data_7WWK
#
_entry.id   7WWK
#
_cell.length_a   1.00
_cell.length_b   1.00
_cell.length_c   1.00
_cell.angle_alpha   90.00
_cell.angle_beta   90.00
_cell.angle_gamma   90.00
#
_symmetry.space_group_name_H-M   'P 1'
#
loop_
_entity.id
_entity.type
_entity.pdbx_description
1 polymer 'Spike glycoprotein'
2 polymer '55A8 light chain'
3 polymer '55A8 light chain'
#
loop_
_entity_poly.entity_id
_entity_poly.type
_entity_poly.pdbx_seq_one_letter_code
_entity_poly.pdbx_strand_id
1 'polypeptide(L)'
;NLCPFDEVFNATRFASVYAWNRKRISNCVADYSVLYNLAPFFTFKCYGVSPTKLNDLCFTNVYADSFVIRGDEVRQIAPG
QTGNIADYNYKLPDDFTGCVIAWNSNKLDSKVSGNYNYLYRLFRKSNLKPFERDISTEIYQAGNKPCNGVAGFNCYFPLR
SYSFRPTYGVGHQPYRVVVLSFELLHAPATVCGP
;
B,C
2 'polypeptide(L)'
;DIQMTQSPSTLSASVGDRVTITCRASQSISSWLAWYQQKPGKAPKLLIYKASSLESGVPSRFSGSGSGTEFTLTISSLQP
DDFATYYCQQYNSYSHTFGQGTKLEIKR
;
F,H
3 'polypeptide(L)'
;QVQLVQSGAEVKKPGSSVKVSCKASGGTFSSYSFIWVRQAPGQGLEWMGRIIPILGIANYAQKFQGRVTITADKSTTTAY
MELSSLRSEDTAVYYCARGTEYGDYDVSHDWGQGTLVTVSS
;
G,I
#
# COMPACT_ATOMS: atom_id res chain seq x y z
N LEU A 2 17.14 24.72 9.17
CA LEU A 2 15.92 23.99 8.76
C LEU A 2 15.50 23.00 9.85
N CYS A 3 14.53 22.13 9.56
CA CYS A 3 14.01 21.20 10.60
C CYS A 3 14.54 19.78 10.35
N PRO A 4 14.70 18.94 11.39
CA PRO A 4 15.25 17.60 11.22
C PRO A 4 14.22 16.63 10.63
N PHE A 5 13.74 16.90 9.42
CA PHE A 5 12.78 15.99 8.75
C PHE A 5 13.56 14.89 8.03
N ASP A 6 14.89 14.94 8.12
CA ASP A 6 15.73 13.90 7.47
C ASP A 6 15.88 12.72 8.41
N GLU A 7 16.17 12.97 9.69
CA GLU A 7 16.39 11.87 10.66
C GLU A 7 15.06 11.19 10.97
N VAL A 8 13.96 11.71 10.43
CA VAL A 8 12.61 11.14 10.70
C VAL A 8 12.12 10.41 9.44
N PHE A 9 12.70 10.70 8.28
CA PHE A 9 12.20 10.10 7.02
C PHE A 9 13.28 9.26 6.33
N ASN A 10 14.54 9.38 6.78
CA ASN A 10 15.64 8.62 6.14
C ASN A 10 16.34 7.76 7.18
N ALA A 11 15.72 7.58 8.35
CA ALA A 11 16.31 6.72 9.37
C ALA A 11 16.45 5.30 8.86
N THR A 12 17.47 4.59 9.36
CA THR A 12 17.73 3.24 8.90
C THR A 12 16.62 2.28 9.34
N ARG A 13 16.20 2.36 10.59
CA ARG A 13 15.20 1.43 11.13
C ARG A 13 14.12 2.23 11.84
N PHE A 14 12.86 1.95 11.50
CA PHE A 14 11.74 2.53 12.23
C PHE A 14 11.33 1.63 13.38
N ALA A 15 10.75 2.24 14.41
CA ALA A 15 10.33 1.49 15.58
C ALA A 15 9.13 0.61 15.26
N SER A 16 8.89 -0.37 16.14
CA SER A 16 7.75 -1.24 15.98
C SER A 16 6.45 -0.47 16.19
N VAL A 17 5.36 -1.03 15.66
CA VAL A 17 4.08 -0.32 15.71
C VAL A 17 3.56 -0.22 17.13
N TYR A 18 3.74 -1.27 17.94
CA TYR A 18 3.22 -1.24 19.30
C TYR A 18 3.99 -0.24 20.16
N ALA A 19 5.31 -0.26 20.10
CA ALA A 19 6.14 0.75 20.76
C ALA A 19 6.58 1.80 19.73
N TRP A 20 5.61 2.59 19.29
CA TRP A 20 5.90 3.60 18.27
C TRP A 20 6.70 4.76 18.87
N ASN A 21 7.36 5.48 17.98
CA ASN A 21 8.23 6.58 18.37
C ASN A 21 7.47 7.89 18.47
N ARG A 22 7.97 8.79 19.31
CA ARG A 22 7.40 10.12 19.49
C ARG A 22 8.52 11.14 19.42
N LYS A 23 8.44 12.06 18.46
CA LYS A 23 9.48 13.04 18.22
C LYS A 23 8.88 14.44 18.29
N ARG A 24 9.47 15.28 19.14
CA ARG A 24 9.05 16.68 19.25
C ARG A 24 9.79 17.51 18.22
N ILE A 25 9.09 18.49 17.65
CA ILE A 25 9.65 19.39 16.65
C ILE A 25 9.22 20.80 17.01
N SER A 26 10.20 21.70 17.16
CA SER A 26 9.91 23.08 17.54
C SER A 26 11.11 23.94 17.15
N ASN A 27 10.84 25.25 17.03
CA ASN A 27 11.86 26.24 16.71
C ASN A 27 12.64 25.85 15.45
N CYS A 28 11.90 25.43 14.42
CA CYS A 28 12.51 25.00 13.18
C CYS A 28 11.68 25.49 12.01
N VAL A 29 12.34 25.69 10.88
CA VAL A 29 11.70 26.09 9.63
C VAL A 29 11.58 24.85 8.74
N ALA A 30 10.33 24.48 8.43
CA ALA A 30 10.04 23.19 7.81
C ALA A 30 9.55 23.43 6.39
N ASP A 31 10.20 22.76 5.43
CA ASP A 31 9.78 22.78 4.03
C ASP A 31 9.17 21.45 3.64
N TYR A 32 7.83 21.40 3.67
CA TYR A 32 7.11 20.15 3.47
C TYR A 32 7.14 19.65 2.03
N SER A 33 7.47 20.51 1.06
CA SER A 33 7.41 20.11 -0.34
C SER A 33 8.34 18.93 -0.62
N VAL A 34 9.48 18.88 0.07
CA VAL A 34 10.43 17.79 -0.06
C VAL A 34 9.78 16.43 0.17
N LEU A 35 8.71 16.37 0.95
CA LEU A 35 8.03 15.12 1.23
C LEU A 35 7.29 14.55 0.03
N TYR A 36 7.30 15.24 -1.12
CA TYR A 36 6.65 14.73 -2.31
C TYR A 36 7.56 13.87 -3.17
N ASN A 37 8.82 13.70 -2.78
CA ASN A 37 9.79 12.92 -3.55
C ASN A 37 10.06 11.56 -2.92
N LEU A 38 9.30 11.16 -1.91
CA LEU A 38 9.57 9.89 -1.23
C LEU A 38 9.37 8.71 -2.16
N ALA A 39 8.31 8.73 -2.96
CA ALA A 39 8.00 7.62 -3.85
C ALA A 39 7.14 8.15 -4.99
N PRO A 40 7.18 7.49 -6.15
CA PRO A 40 6.31 7.92 -7.26
C PRO A 40 4.83 7.84 -6.91
N PHE A 41 4.44 6.88 -6.09
CA PHE A 41 3.05 6.73 -5.66
C PHE A 41 3.03 6.35 -4.19
N PHE A 42 2.49 7.24 -3.36
CA PHE A 42 2.48 7.04 -1.92
C PHE A 42 1.27 7.75 -1.32
N THR A 43 0.89 7.31 -0.12
CA THR A 43 -0.30 7.84 0.53
C THR A 43 0.04 9.09 1.34
N PHE A 44 -0.72 10.16 1.07
CA PHE A 44 -0.49 11.47 1.68
C PHE A 44 -1.77 12.11 2.21
N LYS A 45 -2.60 11.37 2.94
CA LYS A 45 -3.85 11.93 3.47
C LYS A 45 -3.56 13.00 4.51
N CYS A 46 -4.40 14.03 4.51
CA CYS A 46 -4.27 15.14 5.45
C CYS A 46 -5.66 15.48 6.00
N TYR A 47 -5.76 15.62 7.31
CA TYR A 47 -7.02 15.83 8.00
C TYR A 47 -7.02 17.22 8.63
N GLY A 48 -8.00 18.05 8.23
CA GLY A 48 -8.16 19.36 8.80
C GLY A 48 -7.34 20.46 8.19
N VAL A 49 -6.48 20.15 7.22
CA VAL A 49 -5.64 21.16 6.58
C VAL A 49 -5.28 20.68 5.19
N SER A 50 -5.34 21.59 4.23
CA SER A 50 -4.99 21.26 2.85
C SER A 50 -3.47 21.20 2.71
N PRO A 51 -2.92 20.15 2.11
CA PRO A 51 -1.45 20.05 2.02
C PRO A 51 -0.80 21.19 1.24
N THR A 52 -1.49 21.75 0.25
CA THR A 52 -0.90 22.81 -0.55
C THR A 52 -0.83 24.14 0.18
N LYS A 53 -1.43 24.21 1.37
CA LYS A 53 -1.40 25.46 2.17
C LYS A 53 -0.75 25.17 3.54
N LEU A 54 0.39 24.48 3.53
CA LEU A 54 1.08 24.13 4.80
C LEU A 54 2.40 24.89 4.88
N ASN A 55 2.80 25.52 3.78
CA ASN A 55 4.09 26.27 3.75
C ASN A 55 3.77 27.77 3.91
N ASP A 56 2.56 28.08 4.38
CA ASP A 56 2.17 29.51 4.60
C ASP A 56 1.58 29.68 6.00
N LEU A 57 1.15 28.58 6.64
CA LEU A 57 0.58 28.66 8.01
C LEU A 57 1.70 28.49 9.05
N CYS A 58 1.35 28.54 10.34
CA CYS A 58 2.38 28.46 11.41
C CYS A 58 1.80 27.82 12.65
N PHE A 59 2.53 26.90 13.30
CA PHE A 59 2.01 26.19 14.48
C PHE A 59 2.93 26.41 15.67
N THR A 60 2.53 25.92 16.85
CA THR A 60 3.38 26.04 18.06
C THR A 60 4.37 24.88 18.13
N ASN A 61 3.89 23.64 17.96
CA ASN A 61 4.77 22.45 17.99
C ASN A 61 4.32 21.43 16.94
N VAL A 62 5.22 20.56 16.49
CA VAL A 62 4.84 19.48 15.54
C VAL A 62 5.34 18.15 16.09
N TYR A 63 4.46 17.15 16.18
CA TYR A 63 4.78 15.84 16.72
C TYR A 63 4.85 14.83 15.59
N ALA A 64 5.95 14.09 15.52
CA ALA A 64 6.16 13.10 14.47
C ALA A 64 6.20 11.71 15.09
N ASP A 65 5.38 10.81 14.57
CA ASP A 65 5.31 9.43 15.03
C ASP A 65 5.58 8.51 13.86
N SER A 66 6.63 7.69 13.96
CA SER A 66 7.06 6.84 12.86
C SER A 66 7.01 5.38 13.26
N PHE A 67 6.55 4.54 12.33
CA PHE A 67 6.52 3.09 12.56
C PHE A 67 6.39 2.39 11.22
N VAL A 68 6.25 1.05 11.28
CA VAL A 68 6.13 0.21 10.11
C VAL A 68 4.94 -0.72 10.32
N ILE A 69 4.02 -0.74 9.35
CA ILE A 69 2.83 -1.57 9.42
C ILE A 69 2.61 -2.26 8.08
N ARG A 70 1.75 -3.27 8.09
CA ARG A 70 1.47 -4.06 6.90
C ARG A 70 0.74 -3.20 5.86
N GLY A 71 0.81 -3.65 4.60
CA GLY A 71 0.28 -2.85 3.52
C GLY A 71 -1.24 -2.68 3.59
N ASP A 72 -1.96 -3.78 3.84
CA ASP A 72 -3.41 -3.72 3.80
C ASP A 72 -4.01 -3.07 5.05
N GLU A 73 -3.20 -2.86 6.08
CA GLU A 73 -3.67 -2.29 7.33
C GLU A 73 -3.48 -0.78 7.40
N VAL A 74 -2.90 -0.17 6.35
CA VAL A 74 -2.65 1.26 6.36
C VAL A 74 -3.96 2.05 6.42
N ARG A 75 -5.06 1.46 5.96
CA ARG A 75 -6.34 2.13 6.04
C ARG A 75 -6.86 2.26 7.45
N GLN A 76 -6.28 1.55 8.41
CA GLN A 76 -6.71 1.65 9.81
C GLN A 76 -6.16 2.88 10.50
N ILE A 77 -5.17 3.55 9.94
CA ILE A 77 -4.58 4.74 10.57
C ILE A 77 -5.38 5.94 10.07
N ALA A 78 -6.50 6.20 10.73
CA ALA A 78 -7.39 7.29 10.38
C ALA A 78 -8.39 7.51 11.52
N PRO A 79 -8.85 8.74 11.72
CA PRO A 79 -9.85 8.97 12.77
C PRO A 79 -11.13 8.20 12.51
N GLY A 80 -11.72 7.67 13.59
CA GLY A 80 -12.98 6.96 13.49
C GLY A 80 -12.88 5.53 13.00
N GLN A 81 -11.68 5.04 12.70
CA GLN A 81 -11.51 3.69 12.21
C GLN A 81 -11.36 2.70 13.36
N THR A 82 -11.47 1.42 13.04
CA THR A 82 -11.31 0.35 14.01
C THR A 82 -10.81 -0.89 13.31
N GLY A 83 -10.28 -1.82 14.10
CA GLY A 83 -9.69 -3.03 13.55
C GLY A 83 -8.78 -3.72 14.54
N ASN A 84 -7.56 -4.04 14.11
CA ASN A 84 -6.57 -4.65 14.99
C ASN A 84 -5.53 -3.64 15.46
N ILE A 85 -4.90 -2.93 14.52
CA ILE A 85 -3.92 -1.91 14.88
C ILE A 85 -4.59 -0.72 15.55
N ALA A 86 -5.80 -0.38 15.09
CA ALA A 86 -6.42 0.87 15.52
C ALA A 86 -6.68 0.91 17.01
N ASP A 87 -7.13 -0.21 17.59
CA ASP A 87 -7.51 -0.21 18.99
C ASP A 87 -6.51 -0.91 19.91
N TYR A 88 -5.60 -1.70 19.37
CA TYR A 88 -4.63 -2.41 20.19
C TYR A 88 -3.24 -1.79 20.18
N ASN A 89 -2.88 -1.08 19.11
CA ASN A 89 -1.54 -0.52 18.98
C ASN A 89 -1.52 1.00 18.92
N TYR A 90 -2.29 1.60 18.02
CA TYR A 90 -2.22 3.04 17.80
C TYR A 90 -3.61 3.57 17.50
N LYS A 91 -4.12 4.45 18.35
CA LYS A 91 -5.46 5.01 18.20
C LYS A 91 -5.35 6.51 17.91
N LEU A 92 -5.97 6.94 16.81
CA LEU A 92 -5.99 8.35 16.43
C LEU A 92 -7.24 9.03 16.97
N PRO A 93 -7.13 10.18 17.60
CA PRO A 93 -8.31 10.86 18.12
C PRO A 93 -9.19 11.38 16.99
N ASP A 94 -10.49 11.47 17.27
CA ASP A 94 -11.43 11.95 16.26
C ASP A 94 -11.19 13.41 15.92
N ASP A 95 -10.90 14.24 16.92
CA ASP A 95 -10.60 15.65 16.69
C ASP A 95 -9.11 15.83 16.35
N PHE A 96 -8.75 15.33 15.18
CA PHE A 96 -7.36 15.26 14.75
C PHE A 96 -7.12 16.22 13.58
N THR A 97 -6.07 17.01 13.68
CA THR A 97 -5.56 17.80 12.57
C THR A 97 -4.10 17.44 12.34
N GLY A 98 -3.76 17.17 11.09
CA GLY A 98 -2.42 16.73 10.75
C GLY A 98 -2.46 15.77 9.59
N CYS A 99 -1.29 15.25 9.22
CA CYS A 99 -1.17 14.45 8.01
C CYS A 99 -0.58 13.09 8.34
N VAL A 100 -0.91 12.10 7.52
CA VAL A 100 -0.30 10.77 7.58
C VAL A 100 0.37 10.50 6.24
N ILE A 101 1.61 10.05 6.28
CA ILE A 101 2.41 9.80 5.09
C ILE A 101 2.87 8.36 5.15
N ALA A 102 2.39 7.55 4.20
CA ALA A 102 2.72 6.13 4.19
C ALA A 102 3.29 5.77 2.82
N TRP A 103 4.35 4.97 2.82
CA TRP A 103 4.93 4.56 1.54
C TRP A 103 5.56 3.17 1.68
N ASN A 104 5.58 2.46 0.56
CA ASN A 104 6.15 1.12 0.52
C ASN A 104 7.65 1.17 0.72
N SER A 105 8.17 0.23 1.51
CA SER A 105 9.60 0.14 1.77
C SER A 105 10.06 -1.32 1.70
N ASN A 106 9.59 -2.04 0.68
CA ASN A 106 9.96 -3.44 0.53
C ASN A 106 11.44 -3.62 0.26
N LYS A 107 12.13 -2.60 -0.24
CA LYS A 107 13.56 -2.70 -0.52
C LYS A 107 14.43 -2.47 0.71
N LEU A 108 13.86 -1.96 1.79
CA LEU A 108 14.65 -1.63 2.98
C LEU A 108 14.28 -2.47 4.20
N ASP A 109 13.10 -3.05 4.26
CA ASP A 109 12.63 -3.77 5.43
C ASP A 109 12.13 -5.16 5.06
N SER A 110 12.89 -5.89 4.25
CA SER A 110 12.52 -7.23 3.85
C SER A 110 13.74 -8.15 3.90
N LYS A 111 13.53 -9.37 4.39
CA LYS A 111 14.64 -10.35 4.46
C LYS A 111 14.16 -11.66 3.80
N VAL A 112 14.97 -12.22 2.91
CA VAL A 112 14.65 -13.49 2.25
C VAL A 112 14.39 -14.56 3.30
N SER A 113 15.24 -14.63 4.33
CA SER A 113 14.99 -15.53 5.44
C SER A 113 13.74 -15.12 6.21
N GLY A 114 13.52 -13.82 6.39
CA GLY A 114 12.36 -13.32 7.09
C GLY A 114 12.70 -12.33 8.18
N ASN A 115 12.12 -11.13 8.11
CA ASN A 115 12.37 -10.10 9.11
C ASN A 115 11.46 -10.34 10.31
N TYR A 116 12.05 -10.64 11.45
CA TYR A 116 11.30 -10.90 12.67
C TYR A 116 11.42 -9.77 13.68
N ASN A 117 11.99 -8.62 13.27
CA ASN A 117 12.24 -7.52 14.25
C ASN A 117 11.02 -6.60 14.40
N TYR A 118 10.00 -6.76 13.57
CA TYR A 118 8.83 -5.91 13.62
C TYR A 118 7.69 -6.67 14.30
N LEU A 119 7.21 -6.14 15.42
CA LEU A 119 6.22 -6.81 16.25
C LEU A 119 4.98 -5.95 16.39
N TYR A 120 3.85 -6.62 16.65
CA TYR A 120 2.59 -5.94 16.90
C TYR A 120 1.81 -6.72 17.94
N ARG A 121 1.15 -5.98 18.84
CA ARG A 121 0.35 -6.61 19.88
C ARG A 121 -0.94 -7.16 19.29
N LEU A 122 -1.35 -8.34 19.76
CA LEU A 122 -2.54 -9.01 19.26
C LEU A 122 -3.63 -9.19 20.32
N PHE A 123 -3.27 -9.25 21.60
CA PHE A 123 -4.22 -9.50 22.67
C PHE A 123 -4.13 -8.39 23.71
N ARG A 124 -5.27 -7.84 24.09
CA ARG A 124 -5.34 -6.81 25.11
C ARG A 124 -6.71 -6.87 25.78
N LYS A 125 -6.74 -6.47 27.05
CA LYS A 125 -7.98 -6.56 27.82
C LYS A 125 -9.06 -5.64 27.26
N SER A 126 -8.69 -4.45 26.82
CA SER A 126 -9.65 -3.47 26.31
C SER A 126 -9.01 -2.75 25.15
N ASN A 127 -9.61 -1.64 24.74
CA ASN A 127 -9.09 -0.84 23.65
C ASN A 127 -8.19 0.27 24.18
N LEU A 128 -7.58 1.00 23.25
CA LEU A 128 -6.60 2.03 23.58
C LEU A 128 -7.21 3.43 23.44
N LYS A 129 -6.92 4.28 24.42
CA LYS A 129 -7.27 5.68 24.32
C LYS A 129 -6.40 6.35 23.25
N PRO A 130 -6.85 7.46 22.68
CA PRO A 130 -6.03 8.14 21.66
C PRO A 130 -4.68 8.54 22.21
N PHE A 131 -3.64 8.31 21.40
CA PHE A 131 -2.26 8.63 21.75
C PHE A 131 -1.86 7.99 23.08
N GLU A 132 -1.90 6.66 23.10
CA GLU A 132 -1.52 5.88 24.27
C GLU A 132 -0.59 4.76 23.83
N ARG A 133 0.36 4.41 24.70
CA ARG A 133 1.35 3.39 24.42
C ARG A 133 1.26 2.29 25.46
N ASP A 134 1.13 1.04 25.00
CA ASP A 134 1.13 -0.13 25.86
C ASP A 134 2.30 -1.01 25.47
N ILE A 135 3.32 -1.04 26.32
CA ILE A 135 4.54 -1.79 26.06
C ILE A 135 4.68 -2.97 27.03
N SER A 136 3.60 -3.35 27.69
CA SER A 136 3.65 -4.48 28.60
C SER A 136 3.79 -5.79 27.83
N THR A 137 4.25 -6.83 28.54
CA THR A 137 4.46 -8.12 27.91
C THR A 137 3.99 -9.28 28.79
N GLU A 138 3.00 -9.06 29.65
CA GLU A 138 2.47 -10.13 30.48
C GLU A 138 1.64 -11.10 29.66
N ILE A 139 1.68 -12.38 30.05
CA ILE A 139 0.87 -13.38 29.37
C ILE A 139 -0.61 -13.05 29.53
N TYR A 140 -1.41 -13.41 28.53
CA TYR A 140 -2.81 -13.03 28.48
C TYR A 140 -3.67 -14.27 28.70
N GLN A 141 -4.54 -14.21 29.69
CA GLN A 141 -5.40 -15.33 30.06
C GLN A 141 -6.73 -15.16 29.33
N ALA A 142 -6.83 -15.75 28.13
CA ALA A 142 -8.06 -15.67 27.36
C ALA A 142 -9.23 -16.36 28.05
N GLY A 143 -8.99 -17.50 28.70
CA GLY A 143 -10.05 -18.22 29.37
C GLY A 143 -10.16 -17.90 30.84
N ASN A 144 -10.70 -18.83 31.62
CA ASN A 144 -10.92 -18.61 33.04
C ASN A 144 -9.82 -19.15 33.93
N LYS A 145 -9.11 -20.19 33.49
CA LYS A 145 -8.07 -20.79 34.30
C LYS A 145 -6.81 -19.91 34.29
N PRO A 146 -6.25 -19.55 35.45
CA PRO A 146 -4.99 -18.82 35.47
C PRO A 146 -3.82 -19.76 35.17
N CYS A 147 -2.96 -19.35 34.25
CA CYS A 147 -1.81 -20.16 33.87
C CYS A 147 -0.48 -19.67 34.43
N ASN A 148 -0.44 -18.41 34.88
CA ASN A 148 0.74 -17.85 35.55
C ASN A 148 2.00 -17.96 34.69
N GLY A 149 1.85 -17.75 33.39
CA GLY A 149 2.98 -17.62 32.51
C GLY A 149 3.40 -18.85 31.75
N VAL A 150 2.46 -19.69 31.33
CA VAL A 150 2.75 -20.83 30.47
C VAL A 150 1.87 -20.73 29.22
N ALA A 151 2.49 -20.90 28.05
CA ALA A 151 1.78 -20.75 26.78
C ALA A 151 1.17 -22.08 26.38
N GLY A 152 0.07 -22.42 27.03
CA GLY A 152 -0.66 -23.64 26.72
C GLY A 152 -1.99 -23.36 26.03
N PHE A 153 -3.09 -23.75 26.67
CA PHE A 153 -4.41 -23.48 26.15
C PHE A 153 -4.97 -22.21 26.79
N ASN A 154 -5.52 -21.33 25.97
CA ASN A 154 -6.12 -20.07 26.43
C ASN A 154 -5.10 -19.17 27.12
N CYS A 155 -3.82 -19.29 26.74
CA CYS A 155 -2.77 -18.42 27.27
C CYS A 155 -1.78 -18.17 26.14
N TYR A 156 -1.97 -17.07 25.43
CA TYR A 156 -1.17 -16.72 24.27
C TYR A 156 -0.30 -15.50 24.58
N PHE A 157 0.87 -15.46 23.96
CA PHE A 157 1.72 -14.29 24.08
C PHE A 157 1.07 -13.11 23.36
N PRO A 158 1.03 -11.93 23.98
CA PRO A 158 0.31 -10.80 23.36
C PRO A 158 0.88 -10.35 22.02
N LEU A 159 2.17 -10.54 21.78
CA LEU A 159 2.83 -9.96 20.61
C LEU A 159 3.06 -11.01 19.54
N ARG A 160 2.89 -10.61 18.29
CA ARG A 160 3.23 -11.42 17.12
C ARG A 160 4.21 -10.63 16.25
N SER A 161 4.74 -11.30 15.23
CA SER A 161 5.80 -10.73 14.40
C SER A 161 5.34 -10.60 12.96
N TYR A 162 5.78 -9.53 12.31
CA TYR A 162 5.55 -9.32 10.88
C TYR A 162 6.71 -9.95 10.13
N SER A 163 6.57 -11.23 9.80
CA SER A 163 7.62 -11.96 9.10
C SER A 163 7.65 -11.50 7.65
N PHE A 164 8.30 -10.36 7.41
CA PHE A 164 8.34 -9.76 6.09
C PHE A 164 9.29 -10.53 5.17
N ARG A 165 8.86 -10.72 3.93
CA ARG A 165 9.67 -11.35 2.89
C ARG A 165 9.39 -10.64 1.57
N PRO A 166 10.39 -10.49 0.71
CA PRO A 166 10.16 -9.84 -0.58
C PRO A 166 9.25 -10.63 -1.52
N THR A 167 9.07 -11.93 -1.27
CA THR A 167 8.21 -12.74 -2.12
C THR A 167 6.73 -12.42 -1.91
N TYR A 168 6.37 -11.84 -0.77
CA TYR A 168 4.98 -11.58 -0.45
C TYR A 168 4.35 -10.63 -1.47
N GLY A 169 3.02 -10.60 -1.47
CA GLY A 169 2.28 -9.72 -2.35
C GLY A 169 2.30 -8.29 -1.84
N VAL A 170 1.64 -7.41 -2.60
CA VAL A 170 1.59 -6.01 -2.23
C VAL A 170 0.81 -5.82 -0.93
N GLY A 171 -0.15 -6.69 -0.65
CA GLY A 171 -0.94 -6.57 0.56
C GLY A 171 -0.24 -7.00 1.82
N HIS A 172 0.95 -7.60 1.72
CA HIS A 172 1.70 -8.03 2.89
C HIS A 172 3.09 -7.41 2.96
N GLN A 173 3.46 -6.58 1.99
CA GLN A 173 4.77 -5.95 2.02
C GLN A 173 4.81 -4.85 3.08
N PRO A 174 5.97 -4.61 3.69
CA PRO A 174 6.05 -3.60 4.74
C PRO A 174 5.81 -2.20 4.20
N TYR A 175 5.21 -1.35 5.04
CA TYR A 175 4.94 0.03 4.70
C TYR A 175 5.38 0.93 5.85
N ARG A 176 6.18 1.94 5.54
CA ARG A 176 6.65 2.89 6.52
C ARG A 176 5.64 4.03 6.63
N VAL A 177 5.25 4.36 7.86
CA VAL A 177 4.21 5.35 8.12
C VAL A 177 4.76 6.39 9.09
N VAL A 178 4.54 7.66 8.75
CA VAL A 178 4.92 8.79 9.60
C VAL A 178 3.71 9.70 9.73
N VAL A 179 3.30 9.97 10.97
CA VAL A 179 2.14 10.80 11.26
C VAL A 179 2.65 12.10 11.87
N LEU A 180 2.32 13.22 11.23
CA LEU A 180 2.66 14.54 11.72
C LEU A 180 1.40 15.18 12.31
N SER A 181 1.49 15.62 13.55
CA SER A 181 0.38 16.24 14.25
C SER A 181 0.74 17.67 14.60
N PHE A 182 -0.15 18.60 14.26
CA PHE A 182 0.00 20.01 14.56
C PHE A 182 -1.05 20.43 15.58
N GLU A 183 -0.75 21.49 16.33
CA GLU A 183 -1.73 22.06 17.24
C GLU A 183 -1.44 23.54 17.43
N LEU A 184 -2.49 24.27 17.82
CA LEU A 184 -2.39 25.71 18.07
C LEU A 184 -2.69 25.96 19.54
N LEU A 185 -1.87 26.81 20.15
CA LEU A 185 -2.05 27.22 21.54
C LEU A 185 -1.95 28.73 21.62
N HIS A 186 -2.02 29.26 22.85
CA HIS A 186 -1.85 30.70 23.05
C HIS A 186 -0.42 31.15 22.74
N ALA A 187 0.54 30.24 22.76
CA ALA A 187 1.93 30.60 22.52
C ALA A 187 2.13 30.96 21.04
N PRO A 188 3.08 31.86 20.75
CA PRO A 188 3.31 32.25 19.35
C PRO A 188 3.87 31.11 18.52
N ALA A 189 3.51 31.12 17.24
CA ALA A 189 3.94 30.09 16.30
C ALA A 189 5.44 30.22 16.02
N THR A 190 6.10 29.07 15.83
CA THR A 190 7.53 29.08 15.54
C THR A 190 7.91 28.11 14.43
N VAL A 191 7.13 27.04 14.26
CA VAL A 191 7.44 26.01 13.23
C VAL A 191 6.76 26.43 11.93
N CYS A 192 7.42 27.24 11.10
CA CYS A 192 6.76 27.76 9.85
C CYS A 192 7.54 27.32 8.61
N GLY A 193 6.88 27.31 7.44
CA GLY A 193 7.53 26.99 6.16
C GLY A 193 8.44 28.12 5.71
N PRO A 194 9.35 27.89 4.74
CA PRO A 194 10.30 28.92 4.33
C PRO A 194 9.56 30.26 4.14
N ASN B 1 -44.30 26.05 -16.76
CA ASN B 1 -43.02 25.44 -17.19
C ASN B 1 -42.08 25.35 -15.98
N LEU B 2 -42.29 24.35 -15.12
CA LEU B 2 -41.38 24.16 -13.96
C LEU B 2 -39.97 23.87 -14.46
N CYS B 3 -38.97 24.57 -13.93
CA CYS B 3 -37.56 24.38 -14.38
C CYS B 3 -37.09 22.97 -14.02
N PRO B 4 -36.33 22.28 -14.90
CA PRO B 4 -35.92 20.90 -14.64
C PRO B 4 -34.68 20.80 -13.75
N PHE B 5 -34.80 21.23 -12.48
CA PHE B 5 -33.67 21.09 -11.54
C PHE B 5 -33.52 19.61 -11.15
N ASP B 6 -34.58 18.83 -11.34
CA ASP B 6 -34.56 17.39 -10.95
C ASP B 6 -33.41 16.70 -11.68
N GLU B 7 -33.28 16.91 -12.99
CA GLU B 7 -32.19 16.29 -13.77
C GLU B 7 -30.84 16.79 -13.22
N VAL B 8 -30.77 18.07 -12.86
CA VAL B 8 -29.51 18.67 -12.33
C VAL B 8 -29.22 18.09 -10.95
N PHE B 9 -30.27 17.73 -10.19
CA PHE B 9 -30.05 17.26 -8.82
C PHE B 9 -30.03 15.73 -8.77
N ASN B 10 -30.94 15.07 -9.49
CA ASN B 10 -31.10 13.62 -9.42
C ASN B 10 -30.30 12.89 -10.48
N ALA B 11 -29.18 13.45 -10.94
CA ALA B 11 -28.35 12.77 -11.91
C ALA B 11 -27.63 11.58 -11.25
N THR B 12 -27.28 10.60 -12.08
CA THR B 12 -26.62 9.41 -11.57
C THR B 12 -25.12 9.62 -11.38
N ARG B 13 -24.53 10.56 -12.11
CA ARG B 13 -23.09 10.75 -12.14
C ARG B 13 -22.77 12.23 -12.22
N PHE B 14 -22.18 12.77 -11.15
CA PHE B 14 -21.67 14.13 -11.17
C PHE B 14 -20.22 14.14 -11.63
N ALA B 15 -19.84 15.22 -12.31
CA ALA B 15 -18.50 15.32 -12.87
C ALA B 15 -17.47 15.55 -11.78
N SER B 16 -16.20 15.35 -12.14
CA SER B 16 -15.11 15.61 -11.23
C SER B 16 -15.02 17.10 -10.92
N VAL B 17 -14.42 17.41 -9.76
CA VAL B 17 -14.39 18.79 -9.31
C VAL B 17 -13.57 19.67 -10.26
N TYR B 18 -12.49 19.12 -10.82
CA TYR B 18 -11.66 19.93 -11.71
C TYR B 18 -12.35 20.20 -13.03
N ALA B 19 -12.97 19.18 -13.63
CA ALA B 19 -13.77 19.36 -14.84
C ALA B 19 -15.25 19.40 -14.48
N TRP B 20 -15.63 20.46 -13.77
CA TRP B 20 -17.01 20.59 -13.33
C TRP B 20 -17.94 20.89 -14.51
N ASN B 21 -19.23 20.65 -14.29
CA ASN B 21 -20.24 20.87 -15.32
C ASN B 21 -20.84 22.26 -15.21
N ARG B 22 -21.60 22.63 -16.23
CA ARG B 22 -22.33 23.90 -16.26
C ARG B 22 -23.66 23.67 -16.96
N LYS B 23 -24.72 24.22 -16.40
CA LYS B 23 -26.05 24.07 -16.95
C LYS B 23 -26.75 25.42 -16.89
N ARG B 24 -27.58 25.70 -17.90
CA ARG B 24 -28.30 26.96 -18.01
C ARG B 24 -29.78 26.73 -17.75
N ILE B 25 -30.37 27.59 -16.93
CA ILE B 25 -31.81 27.57 -16.66
C ILE B 25 -32.41 28.83 -17.26
N SER B 26 -33.44 28.67 -18.09
CA SER B 26 -34.03 29.83 -18.76
C SER B 26 -35.44 29.49 -19.20
N ASN B 27 -36.27 30.53 -19.30
CA ASN B 27 -37.62 30.45 -19.83
C ASN B 27 -38.45 29.39 -19.12
N CYS B 28 -38.44 29.44 -17.79
CA CYS B 28 -39.20 28.48 -17.01
C CYS B 28 -39.46 29.06 -15.63
N VAL B 29 -40.58 28.64 -15.03
CA VAL B 29 -40.89 28.97 -13.65
C VAL B 29 -40.18 27.98 -12.74
N ALA B 30 -39.45 28.49 -11.75
CA ALA B 30 -38.64 27.67 -10.86
C ALA B 30 -39.32 27.57 -9.51
N ASP B 31 -39.57 26.33 -9.07
CA ASP B 31 -40.17 26.06 -7.76
C ASP B 31 -39.07 25.51 -6.86
N TYR B 32 -38.61 26.33 -5.93
CA TYR B 32 -37.50 25.94 -5.06
C TYR B 32 -37.93 25.09 -3.88
N SER B 33 -39.23 24.99 -3.60
CA SER B 33 -39.67 24.21 -2.45
C SER B 33 -39.51 22.72 -2.70
N VAL B 34 -39.35 22.32 -3.97
CA VAL B 34 -39.28 20.91 -4.32
C VAL B 34 -38.02 20.28 -3.73
N LEU B 35 -36.89 20.98 -3.83
CA LEU B 35 -35.60 20.37 -3.50
C LEU B 35 -35.45 20.11 -2.01
N TYR B 36 -36.36 20.62 -1.18
CA TYR B 36 -36.28 20.37 0.26
C TYR B 36 -36.45 18.90 0.61
N ASN B 37 -36.92 18.07 -0.32
CA ASN B 37 -37.05 16.64 -0.10
C ASN B 37 -35.73 15.89 -0.27
N LEU B 38 -34.60 16.61 -0.23
CA LEU B 38 -33.29 16.00 -0.38
C LEU B 38 -32.83 15.40 0.94
N ALA B 39 -31.53 15.08 1.04
CA ALA B 39 -30.99 14.50 2.25
C ALA B 39 -31.28 15.39 3.46
N PRO B 40 -31.56 14.78 4.62
CA PRO B 40 -32.06 15.57 5.76
C PRO B 40 -31.08 16.58 6.33
N PHE B 41 -29.84 16.63 5.84
CA PHE B 41 -28.83 17.53 6.39
C PHE B 41 -28.07 18.21 5.25
N PHE B 42 -28.81 18.71 4.25
CA PHE B 42 -28.19 19.37 3.10
C PHE B 42 -27.99 20.84 3.45
N THR B 43 -26.72 21.25 3.45
CA THR B 43 -26.35 22.65 3.62
C THR B 43 -26.90 23.49 2.47
N PHE B 44 -27.54 24.60 2.81
CA PHE B 44 -28.25 25.46 1.86
C PHE B 44 -27.75 26.90 2.02
N LYS B 45 -26.44 27.08 1.95
CA LYS B 45 -25.86 28.37 2.30
C LYS B 45 -26.02 29.35 1.15
N CYS B 46 -26.71 30.46 1.41
CA CYS B 46 -27.06 31.41 0.36
C CYS B 46 -26.37 32.75 0.63
N TYR B 47 -25.72 33.28 -0.39
CA TYR B 47 -25.07 34.58 -0.33
C TYR B 47 -25.80 35.57 -1.22
N GLY B 48 -26.19 36.71 -0.65
CA GLY B 48 -26.86 37.76 -1.38
C GLY B 48 -28.35 37.60 -1.54
N VAL B 49 -28.93 36.51 -1.05
CA VAL B 49 -30.36 36.27 -1.17
C VAL B 49 -30.81 35.34 -0.06
N SER B 50 -31.98 35.61 0.52
CA SER B 50 -32.48 34.75 1.58
C SER B 50 -33.07 33.47 0.99
N PRO B 51 -32.73 32.30 1.55
CA PRO B 51 -33.24 31.05 0.98
C PRO B 51 -34.76 30.93 1.00
N THR B 52 -35.41 31.44 2.05
CA THR B 52 -36.85 31.20 2.20
C THR B 52 -37.67 32.04 1.23
N LYS B 53 -37.24 33.28 0.97
CA LYS B 53 -37.98 34.20 0.12
C LYS B 53 -37.58 34.09 -1.35
N LEU B 54 -37.00 32.95 -1.75
CA LEU B 54 -36.52 32.78 -3.14
C LEU B 54 -37.71 32.57 -4.07
N ASN B 55 -38.85 32.15 -3.52
CA ASN B 55 -40.02 31.82 -4.37
C ASN B 55 -40.47 33.05 -5.16
N ASP B 56 -40.64 34.20 -4.50
CA ASP B 56 -41.19 35.37 -5.23
C ASP B 56 -40.05 36.27 -5.71
N LEU B 57 -39.49 35.98 -6.87
CA LEU B 57 -38.35 36.77 -7.41
C LEU B 57 -38.24 36.53 -8.91
N CYS B 58 -37.45 37.32 -9.62
CA CYS B 58 -37.36 37.17 -11.10
C CYS B 58 -35.88 37.23 -11.51
N PHE B 59 -35.17 36.05 -11.30
CA PHE B 59 -33.74 35.97 -11.67
C PHE B 59 -33.64 36.11 -13.19
N THR B 60 -32.76 37.10 -13.66
CA THR B 60 -32.64 37.27 -15.12
C THR B 60 -32.18 35.94 -15.72
N ASN B 61 -31.35 35.20 -14.97
CA ASN B 61 -30.82 33.91 -15.46
C ASN B 61 -30.34 33.07 -14.27
N VAL B 62 -30.11 31.76 -14.48
CA VAL B 62 -29.59 30.90 -13.39
C VAL B 62 -28.63 29.87 -13.97
N TYR B 63 -27.38 29.86 -13.53
CA TYR B 63 -26.38 28.88 -13.93
C TYR B 63 -26.17 27.89 -12.79
N ALA B 64 -26.18 26.61 -13.12
CA ALA B 64 -26.02 25.54 -12.13
C ALA B 64 -24.74 24.77 -12.41
N ASP B 65 -23.86 24.71 -11.41
CA ASP B 65 -22.61 23.96 -11.50
C ASP B 65 -22.63 22.84 -10.48
N SER B 66 -22.41 21.62 -10.94
CA SER B 66 -22.52 20.43 -10.08
C SER B 66 -21.23 19.64 -10.09
N PHE B 67 -20.83 19.17 -8.91
CA PHE B 67 -19.65 18.32 -8.80
C PHE B 67 -19.72 17.55 -7.48
N VAL B 68 -18.66 16.78 -7.22
CA VAL B 68 -18.54 15.99 -6.00
C VAL B 68 -17.19 16.26 -5.38
N ILE B 69 -17.16 16.60 -4.09
CA ILE B 69 -15.94 16.94 -3.38
C ILE B 69 -15.87 16.15 -2.08
N ARG B 70 -14.84 16.42 -1.30
CA ARG B 70 -14.65 15.80 -0.01
C ARG B 70 -15.44 16.55 1.06
N GLY B 71 -15.65 15.88 2.19
CA GLY B 71 -16.42 16.50 3.26
C GLY B 71 -15.72 17.71 3.86
N ASP B 72 -14.49 17.52 4.34
CA ASP B 72 -13.74 18.60 4.98
C ASP B 72 -13.57 19.79 4.06
N GLU B 73 -13.63 19.58 2.75
CA GLU B 73 -13.40 20.63 1.77
C GLU B 73 -14.67 21.43 1.44
N VAL B 74 -15.83 21.02 1.99
CA VAL B 74 -17.07 21.70 1.63
C VAL B 74 -17.08 23.15 2.10
N ARG B 75 -16.29 23.49 3.12
CA ARG B 75 -16.23 24.87 3.58
C ARG B 75 -15.42 25.76 2.63
N GLN B 76 -14.67 25.16 1.71
CA GLN B 76 -13.87 25.95 0.78
C GLN B 76 -14.70 26.55 -0.35
N ILE B 77 -15.93 26.10 -0.54
CA ILE B 77 -16.79 26.64 -1.62
C ILE B 77 -17.51 27.83 -1.01
N ALA B 78 -16.84 28.98 -1.04
CA ALA B 78 -17.40 30.23 -0.53
C ALA B 78 -16.61 31.38 -1.12
N PRO B 79 -17.20 32.56 -1.22
CA PRO B 79 -16.47 33.70 -1.81
C PRO B 79 -15.26 34.08 -0.96
N GLY B 80 -14.10 34.15 -1.62
CA GLY B 80 -12.89 34.62 -0.97
C GLY B 80 -12.10 33.59 -0.20
N GLN B 81 -12.57 32.34 -0.12
CA GLN B 81 -11.82 31.32 0.58
C GLN B 81 -10.56 30.95 -0.20
N THR B 82 -9.63 30.30 0.50
CA THR B 82 -8.38 29.86 -0.10
C THR B 82 -8.09 28.43 0.31
N GLY B 83 -7.31 27.75 -0.52
CA GLY B 83 -6.99 26.36 -0.31
C GLY B 83 -6.73 25.68 -1.64
N ASN B 84 -6.76 24.35 -1.61
CA ASN B 84 -6.52 23.59 -2.82
C ASN B 84 -7.65 23.79 -3.83
N ILE B 85 -8.89 23.60 -3.40
CA ILE B 85 -10.02 23.71 -4.32
C ILE B 85 -10.24 25.15 -4.75
N ALA B 86 -10.17 26.09 -3.81
CA ALA B 86 -10.42 27.48 -4.15
C ALA B 86 -9.41 28.01 -5.14
N ASP B 87 -8.19 27.47 -5.13
CA ASP B 87 -7.15 28.00 -6.00
C ASP B 87 -7.05 27.23 -7.32
N TYR B 88 -7.02 25.91 -7.29
CA TYR B 88 -6.67 25.13 -8.46
C TYR B 88 -7.85 24.41 -9.13
N ASN B 89 -9.01 24.37 -8.48
CA ASN B 89 -10.15 23.63 -9.03
C ASN B 89 -11.37 24.49 -9.31
N TYR B 90 -11.77 25.33 -8.35
CA TYR B 90 -13.00 26.09 -8.49
C TYR B 90 -12.90 27.37 -7.67
N LYS B 91 -13.10 28.51 -8.30
CA LYS B 91 -13.00 29.81 -7.66
C LYS B 91 -14.31 30.58 -7.80
N LEU B 92 -14.77 31.18 -6.71
CA LEU B 92 -15.95 32.02 -6.69
C LEU B 92 -15.56 33.48 -6.58
N PRO B 93 -16.30 34.39 -7.22
CA PRO B 93 -15.94 35.80 -7.17
C PRO B 93 -16.24 36.41 -5.82
N ASP B 94 -15.67 37.59 -5.59
CA ASP B 94 -15.85 38.28 -4.32
C ASP B 94 -17.29 38.70 -4.12
N ASP B 95 -17.88 39.33 -5.13
CA ASP B 95 -19.27 39.80 -5.07
C ASP B 95 -20.25 38.75 -5.59
N PHE B 96 -20.12 37.52 -5.09
CA PHE B 96 -20.95 36.42 -5.56
C PHE B 96 -22.37 36.56 -5.04
N THR B 97 -23.34 36.20 -5.88
CA THR B 97 -24.74 36.13 -5.52
C THR B 97 -25.30 34.79 -5.97
N GLY B 98 -26.06 34.15 -5.09
CA GLY B 98 -26.60 32.84 -5.38
C GLY B 98 -26.47 31.95 -4.18
N CYS B 99 -26.71 30.65 -4.39
CA CYS B 99 -26.77 29.70 -3.29
C CYS B 99 -25.91 28.48 -3.59
N VAL B 100 -25.44 27.82 -2.53
CA VAL B 100 -24.73 26.56 -2.63
C VAL B 100 -25.46 25.52 -1.80
N ILE B 101 -25.65 24.34 -2.38
CA ILE B 101 -26.37 23.23 -1.77
C ILE B 101 -25.44 22.04 -1.75
N ALA B 102 -25.18 21.50 -0.57
CA ALA B 102 -24.26 20.37 -0.42
C ALA B 102 -24.93 19.28 0.41
N TRP B 103 -24.88 18.06 -0.09
CA TRP B 103 -25.46 16.95 0.65
C TRP B 103 -24.60 15.70 0.50
N ASN B 104 -24.53 14.92 1.58
CA ASN B 104 -23.73 13.71 1.58
C ASN B 104 -24.30 12.69 0.60
N SER B 105 -23.41 11.95 -0.04
CA SER B 105 -23.80 10.93 -1.02
C SER B 105 -22.96 9.67 -0.82
N ASN B 106 -22.78 9.26 0.43
CA ASN B 106 -21.99 8.08 0.72
C ASN B 106 -22.66 6.80 0.25
N LYS B 107 -23.96 6.82 0.00
CA LYS B 107 -24.68 5.63 -0.45
C LYS B 107 -24.67 5.46 -1.95
N LEU B 108 -24.16 6.44 -2.70
CA LEU B 108 -24.21 6.41 -4.15
C LEU B 108 -22.84 6.48 -4.82
N ASP B 109 -21.85 7.08 -4.17
CA ASP B 109 -20.54 7.31 -4.77
C ASP B 109 -19.44 6.65 -3.97
N SER B 110 -19.71 5.46 -3.42
CA SER B 110 -18.75 4.74 -2.59
C SER B 110 -18.58 3.33 -3.10
N LYS B 111 -17.33 2.88 -3.24
CA LYS B 111 -17.06 1.48 -3.67
C LYS B 111 -16.15 0.82 -2.63
N VAL B 112 -16.57 -0.32 -2.08
CA VAL B 112 -15.79 -1.02 -1.07
C VAL B 112 -14.36 -1.20 -1.55
N SER B 113 -14.18 -1.50 -2.83
CA SER B 113 -12.84 -1.54 -3.41
C SER B 113 -12.22 -0.15 -3.47
N GLY B 114 -12.99 0.84 -3.90
CA GLY B 114 -12.49 2.20 -4.03
C GLY B 114 -12.88 2.85 -5.33
N ASN B 115 -13.52 4.02 -5.26
CA ASN B 115 -13.98 4.74 -6.44
C ASN B 115 -12.89 5.70 -6.90
N TYR B 116 -12.38 5.50 -8.11
CA TYR B 116 -11.24 6.35 -8.56
C TYR B 116 -11.69 7.27 -9.68
N ASN B 117 -12.99 7.36 -9.97
CA ASN B 117 -13.44 8.20 -11.12
C ASN B 117 -13.57 9.67 -10.72
N TYR B 118 -13.34 10.01 -9.45
CA TYR B 118 -13.39 11.40 -9.00
C TYR B 118 -11.96 11.89 -8.76
N LEU B 119 -11.52 12.84 -9.58
CA LEU B 119 -10.17 13.37 -9.51
C LEU B 119 -10.20 14.84 -9.09
N TYR B 120 -9.04 15.34 -8.70
CA TYR B 120 -8.89 16.74 -8.34
C TYR B 120 -7.47 17.18 -8.61
N ARG B 121 -7.33 18.42 -9.08
CA ARG B 121 -6.02 18.97 -9.39
C ARG B 121 -5.30 19.40 -8.12
N LEU B 122 -4.01 19.09 -8.05
CA LEU B 122 -3.22 19.38 -6.86
C LEU B 122 -2.11 20.40 -7.09
N PHE B 123 -1.60 20.51 -8.31
CA PHE B 123 -0.50 21.43 -8.62
C PHE B 123 -0.89 22.32 -9.78
N ARG B 124 -0.57 23.62 -9.66
CA ARG B 124 -0.80 24.56 -10.73
C ARG B 124 0.16 25.73 -10.57
N LYS B 125 0.47 26.38 -11.69
CA LYS B 125 1.39 27.51 -11.67
C LYS B 125 0.83 28.69 -10.88
N SER B 126 -0.46 28.98 -11.06
CA SER B 126 -1.07 30.14 -10.44
C SER B 126 -2.53 29.84 -10.11
N ASN B 127 -3.10 30.68 -9.24
CA ASN B 127 -4.47 30.50 -8.82
C ASN B 127 -5.44 30.75 -9.97
N LEU B 128 -6.56 30.05 -9.94
CA LEU B 128 -7.57 30.20 -10.98
C LEU B 128 -8.28 31.54 -10.86
N LYS B 129 -8.61 32.13 -12.01
CA LYS B 129 -9.50 33.28 -12.02
C LYS B 129 -10.92 32.83 -11.74
N PRO B 130 -11.78 33.72 -11.26
CA PRO B 130 -13.16 33.32 -10.94
C PRO B 130 -13.86 32.73 -12.15
N PHE B 131 -14.54 31.60 -11.92
CA PHE B 131 -15.30 30.89 -12.96
C PHE B 131 -14.41 30.53 -14.15
N GLU B 132 -13.41 29.71 -13.88
CA GLU B 132 -12.49 29.25 -14.92
C GLU B 132 -12.26 27.75 -14.75
N ARG B 133 -12.11 27.06 -15.88
CA ARG B 133 -11.83 25.63 -15.90
C ARG B 133 -10.51 25.37 -16.60
N ASP B 134 -9.72 24.47 -16.04
CA ASP B 134 -8.45 24.04 -16.63
C ASP B 134 -8.37 22.53 -16.55
N ILE B 135 -8.57 21.87 -17.70
CA ILE B 135 -8.58 20.41 -17.78
C ILE B 135 -7.28 19.86 -18.35
N SER B 136 -6.26 20.70 -18.50
CA SER B 136 -5.00 20.25 -19.06
C SER B 136 -4.31 19.27 -18.12
N THR B 137 -3.54 18.36 -18.70
CA THR B 137 -2.81 17.34 -17.96
C THR B 137 -1.31 17.44 -18.17
N GLU B 138 -0.82 18.66 -18.44
CA GLU B 138 0.61 18.87 -18.66
C GLU B 138 1.39 18.55 -17.39
N ILE B 139 2.59 18.00 -17.57
CA ILE B 139 3.44 17.66 -16.44
C ILE B 139 3.86 18.92 -15.71
N TYR B 140 3.89 18.86 -14.38
CA TYR B 140 4.16 20.02 -13.56
C TYR B 140 5.66 20.11 -13.27
N GLN B 141 6.24 21.28 -13.53
CA GLN B 141 7.67 21.51 -13.33
C GLN B 141 7.85 22.22 -12.00
N ALA B 142 8.08 21.45 -10.94
CA ALA B 142 8.30 22.00 -9.61
C ALA B 142 9.74 22.41 -9.35
N GLY B 143 10.65 22.10 -10.29
CA GLY B 143 12.05 22.43 -10.11
C GLY B 143 12.60 23.33 -11.20
N ASN B 144 13.87 23.16 -11.53
CA ASN B 144 14.52 23.97 -12.56
C ASN B 144 14.78 23.21 -13.85
N LYS B 145 15.13 21.94 -13.76
CA LYS B 145 15.34 21.15 -14.97
C LYS B 145 14.00 20.88 -15.65
N PRO B 146 13.87 21.14 -16.95
CA PRO B 146 12.59 20.89 -17.63
C PRO B 146 12.20 19.41 -17.55
N CYS B 147 10.92 19.17 -17.31
CA CYS B 147 10.45 17.79 -17.14
C CYS B 147 10.43 17.05 -18.47
N ASN B 148 9.93 17.69 -19.52
CA ASN B 148 9.83 17.08 -20.85
C ASN B 148 9.02 15.79 -20.82
N GLY B 149 7.97 15.77 -20.00
CA GLY B 149 7.02 14.68 -20.05
C GLY B 149 7.37 13.45 -19.24
N VAL B 150 8.24 13.56 -18.25
CA VAL B 150 8.56 12.44 -17.36
C VAL B 150 8.28 12.87 -15.93
N ALA B 151 7.68 11.96 -15.16
CA ALA B 151 7.34 12.23 -13.77
C ALA B 151 8.45 11.69 -12.86
N GLY B 152 9.58 12.37 -12.90
CA GLY B 152 10.76 11.99 -12.14
C GLY B 152 10.94 12.85 -10.91
N PHE B 153 12.18 13.29 -10.69
CA PHE B 153 12.50 14.11 -9.53
C PHE B 153 12.00 15.54 -9.77
N ASN B 154 11.19 16.04 -8.84
CA ASN B 154 10.59 17.37 -8.93
C ASN B 154 9.81 17.55 -10.22
N CYS B 155 9.06 16.51 -10.60
CA CYS B 155 8.15 16.55 -11.74
C CYS B 155 6.95 15.70 -11.38
N TYR B 156 5.86 16.35 -10.96
CA TYR B 156 4.72 15.67 -10.38
C TYR B 156 3.53 15.73 -11.32
N PHE B 157 2.74 14.66 -11.33
CA PHE B 157 1.48 14.68 -12.06
C PHE B 157 0.51 15.62 -11.35
N PRO B 158 -0.19 16.49 -12.06
CA PRO B 158 -1.00 17.52 -11.40
C PRO B 158 -2.32 17.02 -10.80
N LEU B 159 -2.76 15.82 -11.13
CA LEU B 159 -4.06 15.32 -10.69
C LEU B 159 -3.90 14.17 -9.71
N ARG B 160 -4.74 14.16 -8.68
CA ARG B 160 -4.84 13.06 -7.74
C ARG B 160 -6.28 12.55 -7.74
N SER B 161 -6.50 11.43 -7.04
CA SER B 161 -7.78 10.74 -7.06
C SER B 161 -8.42 10.72 -5.68
N TYR B 162 -9.74 10.93 -5.66
CA TYR B 162 -10.54 10.79 -4.45
C TYR B 162 -10.95 9.33 -4.34
N SER B 163 -10.09 8.50 -3.76
CA SER B 163 -10.36 7.07 -3.66
C SER B 163 -11.42 6.85 -2.59
N PHE B 164 -12.67 7.08 -2.98
CA PHE B 164 -13.78 7.02 -2.03
C PHE B 164 -14.07 5.60 -1.61
N ARG B 165 -14.44 5.43 -0.34
CA ARG B 165 -14.84 4.16 0.23
C ARG B 165 -15.93 4.40 1.25
N PRO B 166 -16.78 3.40 1.52
CA PRO B 166 -17.85 3.58 2.51
C PRO B 166 -17.37 3.53 3.96
N THR B 167 -16.15 3.08 4.20
CA THR B 167 -15.62 2.98 5.55
C THR B 167 -14.86 4.22 5.99
N TYR B 168 -14.77 5.24 5.14
CA TYR B 168 -14.06 6.45 5.49
C TYR B 168 -14.79 7.23 6.57
N GLY B 169 -14.09 8.17 7.18
CA GLY B 169 -14.70 9.02 8.18
C GLY B 169 -15.68 10.00 7.57
N VAL B 170 -16.31 10.78 8.44
CA VAL B 170 -17.28 11.77 7.98
C VAL B 170 -16.59 12.85 7.15
N GLY B 171 -15.36 13.19 7.53
CA GLY B 171 -14.63 14.24 6.83
C GLY B 171 -14.06 13.86 5.49
N HIS B 172 -14.13 12.58 5.13
CA HIS B 172 -13.64 12.12 3.83
C HIS B 172 -14.72 11.47 2.98
N GLN B 173 -15.94 11.38 3.48
CA GLN B 173 -17.03 10.85 2.67
C GLN B 173 -17.39 11.86 1.57
N PRO B 174 -17.78 11.38 0.39
CA PRO B 174 -18.09 12.29 -0.71
C PRO B 174 -19.32 13.12 -0.41
N TYR B 175 -19.30 14.36 -0.91
CA TYR B 175 -20.43 15.28 -0.81
C TYR B 175 -20.73 15.84 -2.19
N ARG B 176 -21.98 15.76 -2.60
CA ARG B 176 -22.42 16.33 -3.86
C ARG B 176 -22.76 17.80 -3.63
N VAL B 177 -22.24 18.66 -4.51
CA VAL B 177 -22.37 20.11 -4.38
C VAL B 177 -22.96 20.66 -5.67
N VAL B 178 -23.98 21.51 -5.52
CA VAL B 178 -24.61 22.20 -6.64
C VAL B 178 -24.65 23.69 -6.28
N VAL B 179 -24.13 24.52 -7.18
CA VAL B 179 -24.05 25.96 -6.97
C VAL B 179 -24.93 26.63 -8.00
N LEU B 180 -25.90 27.41 -7.53
CA LEU B 180 -26.78 28.18 -8.40
C LEU B 180 -26.37 29.64 -8.34
N SER B 181 -26.10 30.22 -9.50
CA SER B 181 -25.68 31.61 -9.63
C SER B 181 -26.75 32.38 -10.40
N PHE B 182 -27.23 33.46 -9.81
CA PHE B 182 -28.22 34.33 -10.42
C PHE B 182 -27.54 35.55 -11.04
N GLU B 183 -28.33 36.44 -11.60
CA GLU B 183 -27.80 37.64 -12.24
C GLU B 183 -28.94 38.60 -12.54
N LEU B 184 -28.58 39.86 -12.75
CA LEU B 184 -29.49 40.88 -13.24
C LEU B 184 -28.81 41.67 -14.33
N LEU B 185 -29.49 41.85 -15.46
CA LEU B 185 -28.92 42.54 -16.61
C LEU B 185 -30.01 43.41 -17.23
N HIS B 186 -29.72 43.97 -18.40
CA HIS B 186 -30.72 44.76 -19.12
C HIS B 186 -31.83 43.88 -19.67
N ALA B 187 -31.55 42.61 -19.93
CA ALA B 187 -32.56 41.70 -20.45
C ALA B 187 -33.64 41.44 -19.41
N PRO B 188 -34.89 41.30 -19.85
CA PRO B 188 -35.97 41.00 -18.90
C PRO B 188 -35.78 39.63 -18.26
N ALA B 189 -36.27 39.51 -17.04
CA ALA B 189 -36.17 38.25 -16.31
C ALA B 189 -36.88 37.14 -17.07
N THR B 190 -36.22 35.98 -17.18
CA THR B 190 -36.79 34.84 -17.94
C THR B 190 -37.29 33.78 -16.97
N VAL B 191 -36.58 33.57 -15.86
CA VAL B 191 -36.99 32.55 -14.86
C VAL B 191 -37.60 33.26 -13.65
N CYS B 192 -38.93 33.20 -13.52
CA CYS B 192 -39.61 33.83 -12.36
C CYS B 192 -40.35 32.75 -11.56
N GLY B 193 -39.93 32.51 -10.32
CA GLY B 193 -40.55 31.46 -9.48
C GLY B 193 -41.92 31.85 -8.99
N PRO B 194 -42.85 30.90 -8.72
CA PRO B 194 -44.23 31.24 -8.40
C PRO B 194 -44.40 32.59 -7.68
N ASP C 1 23.92 -21.51 -1.64
CA ASP C 1 24.22 -20.55 -0.58
C ASP C 1 25.02 -19.37 -1.11
N ILE C 2 24.93 -18.24 -0.41
CA ILE C 2 25.65 -17.03 -0.82
C ILE C 2 27.08 -17.12 -0.30
N GLN C 3 28.05 -16.98 -1.19
CA GLN C 3 29.46 -17.05 -0.84
C GLN C 3 30.01 -15.63 -0.76
N MET C 4 30.76 -15.35 0.32
CA MET C 4 31.33 -14.04 0.55
C MET C 4 32.84 -14.11 0.34
N THR C 5 33.40 -13.06 -0.25
CA THR C 5 34.82 -12.98 -0.53
C THR C 5 35.37 -11.67 0.01
N GLN C 6 36.55 -11.73 0.63
CA GLN C 6 37.19 -10.56 1.22
C GLN C 6 38.49 -10.26 0.49
N SER C 7 38.84 -8.97 0.44
CA SER C 7 40.06 -8.58 -0.24
C SER C 7 40.62 -7.30 0.37
N PRO C 8 41.95 -7.20 0.51
CA PRO C 8 42.86 -8.32 0.30
C PRO C 8 42.92 -9.22 1.53
N SER C 9 43.22 -10.50 1.35
CA SER C 9 43.26 -11.41 2.50
C SER C 9 44.35 -11.00 3.48
N THR C 10 45.51 -10.62 2.97
CA THR C 10 46.62 -10.14 3.79
C THR C 10 46.88 -8.67 3.46
N LEU C 11 46.89 -7.83 4.48
CA LEU C 11 47.09 -6.40 4.31
C LEU C 11 48.13 -5.91 5.30
N SER C 12 48.88 -4.89 4.89
CA SER C 12 49.91 -4.28 5.71
C SER C 12 49.71 -2.77 5.73
N ALA C 13 50.01 -2.14 6.86
CA ALA C 13 49.78 -0.71 7.02
C ALA C 13 50.69 -0.18 8.12
N SER C 14 50.42 1.04 8.57
CA SER C 14 51.19 1.67 9.64
C SER C 14 50.31 2.67 10.36
N VAL C 15 50.79 3.15 11.50
CA VAL C 15 50.02 4.03 12.35
C VAL C 15 49.81 5.37 11.64
N GLY C 16 48.57 5.84 11.62
CA GLY C 16 48.23 7.12 11.04
C GLY C 16 47.71 7.07 9.62
N ASP C 17 47.81 5.93 8.95
CA ASP C 17 47.39 5.81 7.56
C ASP C 17 45.87 5.64 7.48
N ARG C 18 45.36 5.63 6.25
CA ARG C 18 43.96 5.34 5.95
C ARG C 18 43.90 4.03 5.18
N VAL C 19 43.06 3.10 5.65
CA VAL C 19 43.01 1.77 5.06
C VAL C 19 41.58 1.42 4.70
N THR C 20 41.44 0.48 3.77
CA THR C 20 40.13 0.03 3.32
C THR C 20 40.17 -1.46 3.02
N ILE C 21 39.02 -2.11 3.20
CA ILE C 21 38.85 -3.54 2.94
C ILE C 21 37.57 -3.72 2.15
N THR C 22 37.61 -4.55 1.12
CA THR C 22 36.45 -4.78 0.26
C THR C 22 35.88 -6.17 0.51
N CYS C 23 34.56 -6.28 0.43
CA CYS C 23 33.85 -7.52 0.71
C CYS C 23 32.75 -7.66 -0.34
N ARG C 24 32.83 -8.71 -1.15
CA ARG C 24 31.94 -8.91 -2.28
C ARG C 24 31.12 -10.19 -2.08
N ALA C 25 29.82 -10.08 -2.32
CA ALA C 25 28.90 -11.21 -2.18
C ALA C 25 28.61 -11.80 -3.55
N SER C 26 28.44 -13.13 -3.57
CA SER C 26 28.17 -13.82 -4.83
C SER C 26 26.85 -13.37 -5.44
N GLN C 27 25.81 -13.21 -4.61
CA GLN C 27 24.48 -12.82 -5.07
C GLN C 27 24.05 -11.55 -4.36
N SER C 28 22.89 -11.03 -4.77
CA SER C 28 22.34 -9.84 -4.14
C SER C 28 21.89 -10.14 -2.73
N ILE C 29 22.33 -9.32 -1.78
CA ILE C 29 21.99 -9.50 -0.38
C ILE C 29 21.33 -8.24 0.19
N SER C 30 20.78 -7.40 -0.68
CA SER C 30 20.16 -6.12 -0.30
C SER C 30 21.24 -5.32 0.44
N SER C 31 20.95 -4.77 1.61
CA SER C 31 21.93 -3.98 2.36
C SER C 31 22.18 -4.56 3.75
N TRP C 32 22.07 -5.87 3.89
CA TRP C 32 22.28 -6.54 5.17
C TRP C 32 23.72 -7.05 5.23
N LEU C 33 24.55 -6.41 6.05
CA LEU C 33 25.93 -6.86 6.22
C LEU C 33 26.43 -6.35 7.56
N ALA C 34 27.33 -7.12 8.17
CA ALA C 34 27.90 -6.78 9.47
C ALA C 34 29.39 -7.06 9.43
N TRP C 35 30.14 -6.28 10.22
CA TRP C 35 31.58 -6.38 10.31
C TRP C 35 32.00 -6.59 11.76
N TYR C 36 32.89 -7.54 11.99
CA TYR C 36 33.41 -7.82 13.33
C TYR C 36 34.93 -7.75 13.33
N GLN C 37 35.49 -7.35 14.47
CA GLN C 37 36.93 -7.26 14.64
C GLN C 37 37.35 -8.16 15.79
N GLN C 38 38.13 -9.19 15.49
CA GLN C 38 38.60 -10.14 16.48
C GLN C 38 40.10 -9.98 16.67
N LYS C 39 40.51 -9.77 17.91
CA LYS C 39 41.92 -9.79 18.28
C LYS C 39 42.40 -11.23 18.37
N PRO C 40 43.70 -11.47 18.29
CA PRO C 40 44.19 -12.86 18.37
C PRO C 40 43.91 -13.51 19.71
N GLY C 41 43.03 -14.51 19.71
CA GLY C 41 42.69 -15.25 20.91
C GLY C 41 41.47 -14.74 21.65
N LYS C 42 40.96 -13.56 21.33
CA LYS C 42 39.84 -12.98 22.04
C LYS C 42 38.54 -13.16 21.24
N ALA C 43 37.44 -12.79 21.88
CA ALA C 43 36.12 -12.87 21.27
C ALA C 43 35.92 -11.72 20.28
N PRO C 44 35.22 -11.95 19.18
CA PRO C 44 34.99 -10.88 18.21
C PRO C 44 34.09 -9.79 18.78
N LYS C 45 34.24 -8.60 18.23
CA LYS C 45 33.48 -7.43 18.66
C LYS C 45 32.79 -6.81 17.45
N LEU C 46 31.50 -6.55 17.58
CA LEU C 46 30.74 -5.95 16.48
C LEU C 46 31.18 -4.51 16.26
N LEU C 47 31.29 -4.12 15.00
CA LEU C 47 31.64 -2.76 14.62
C LEU C 47 30.54 -2.05 13.85
N ILE C 48 30.04 -2.66 12.78
CA ILE C 48 29.05 -2.04 11.91
C ILE C 48 28.01 -3.09 11.54
N TYR C 49 26.74 -2.71 11.56
CA TYR C 49 25.67 -3.52 11.02
C TYR C 49 24.79 -2.66 10.14
N LYS C 50 24.07 -3.29 9.19
CA LYS C 50 23.26 -2.56 8.18
C LYS C 50 24.23 -1.98 7.14
N ALA C 51 25.53 -2.28 7.24
CA ALA C 51 26.55 -1.86 6.29
C ALA C 51 26.81 -0.35 6.34
N SER C 52 25.99 0.38 7.10
CA SER C 52 26.24 1.81 7.27
C SER C 52 26.16 2.23 8.73
N SER C 53 25.30 1.57 9.49
CA SER C 53 25.08 1.98 10.88
C SER C 53 26.24 1.56 11.76
N LEU C 54 26.67 2.47 12.63
CA LEU C 54 27.77 2.23 13.55
C LEU C 54 27.23 1.78 14.90
N GLU C 55 27.77 0.68 15.41
CA GLU C 55 27.35 0.18 16.71
C GLU C 55 27.86 1.09 17.82
N SER C 56 27.02 1.31 18.83
CA SER C 56 27.35 2.24 19.90
C SER C 56 28.55 1.75 20.69
N GLY C 57 29.45 2.68 21.02
CA GLY C 57 30.67 2.37 21.72
C GLY C 57 31.89 2.26 20.83
N VAL C 58 31.70 2.12 19.52
CA VAL C 58 32.78 2.00 18.56
C VAL C 58 33.32 3.39 18.26
N PRO C 59 34.64 3.57 18.19
CA PRO C 59 35.19 4.87 17.78
C PRO C 59 34.73 5.24 16.37
N SER C 60 34.57 6.55 16.15
CA SER C 60 33.94 7.05 14.94
C SER C 60 34.81 6.92 13.69
N ARG C 61 36.09 6.57 13.84
CA ARG C 61 36.96 6.52 12.67
C ARG C 61 36.58 5.42 11.69
N PHE C 62 35.80 4.44 12.10
CA PHE C 62 35.35 3.38 11.20
C PHE C 62 34.18 3.87 10.36
N SER C 63 34.16 3.49 9.09
CA SER C 63 33.06 3.88 8.22
C SER C 63 32.84 2.82 7.15
N GLY C 64 31.60 2.36 7.03
CA GLY C 64 31.23 1.37 6.03
C GLY C 64 30.36 1.98 4.95
N SER C 65 30.42 1.39 3.76
CA SER C 65 29.63 1.92 2.64
C SER C 65 29.41 0.82 1.62
N GLY C 66 28.17 0.70 1.15
CA GLY C 66 27.83 -0.28 0.14
C GLY C 66 26.36 -0.40 -0.14
N SER C 67 26.01 -0.85 -1.35
CA SER C 67 24.61 -1.00 -1.75
C SER C 67 24.24 -2.44 -2.04
N GLY C 68 25.01 -3.13 -2.87
CA GLY C 68 24.69 -4.50 -3.21
C GLY C 68 25.84 -5.24 -3.87
N THR C 69 26.13 -6.45 -3.39
CA THR C 69 27.16 -7.33 -3.92
C THR C 69 28.56 -6.73 -3.88
N GLU C 70 28.73 -5.58 -3.23
CA GLU C 70 30.05 -4.95 -3.10
C GLU C 70 29.98 -3.95 -1.97
N PHE C 71 30.76 -4.19 -0.91
CA PHE C 71 30.77 -3.32 0.27
C PHE C 71 32.21 -3.02 0.65
N THR C 72 32.40 -1.91 1.34
CA THR C 72 33.73 -1.46 1.74
C THR C 72 33.69 -0.99 3.19
N LEU C 73 34.80 -1.21 3.88
CA LEU C 73 35.04 -0.66 5.21
C LEU C 73 36.32 0.15 5.17
N THR C 74 36.32 1.29 5.87
CA THR C 74 37.44 2.21 5.84
C THR C 74 37.77 2.69 7.25
N ILE C 75 39.06 2.81 7.52
CA ILE C 75 39.58 3.42 8.73
C ILE C 75 40.35 4.67 8.31
N SER C 76 39.97 5.82 8.86
CA SER C 76 40.59 7.08 8.46
C SER C 76 41.94 7.25 9.13
N SER C 77 41.98 7.29 10.47
CA SER C 77 43.21 7.47 11.22
C SER C 77 43.51 6.16 11.95
N LEU C 78 44.34 5.33 11.33
CA LEU C 78 44.67 4.03 11.91
C LEU C 78 45.38 4.21 13.24
N GLN C 79 45.15 3.28 14.16
CA GLN C 79 45.68 3.31 15.51
C GLN C 79 46.35 1.98 15.82
N PRO C 80 47.27 1.96 16.79
CA PRO C 80 47.92 0.69 17.15
C PRO C 80 46.97 -0.34 17.70
N ASP C 81 45.80 0.07 18.18
CA ASP C 81 44.81 -0.86 18.68
C ASP C 81 43.93 -1.45 17.58
N ASP C 82 44.09 -0.98 16.33
CA ASP C 82 43.27 -1.42 15.22
C ASP C 82 43.86 -2.62 14.49
N PHE C 83 44.94 -3.20 15.00
CA PHE C 83 45.57 -4.36 14.37
C PHE C 83 44.88 -5.62 14.87
N ALA C 84 44.07 -6.23 14.01
CA ALA C 84 43.29 -7.42 14.34
C ALA C 84 42.79 -8.02 13.03
N THR C 85 41.89 -9.00 13.14
CA THR C 85 41.32 -9.67 11.97
C THR C 85 39.85 -9.29 11.84
N TYR C 86 39.45 -8.90 10.63
CA TYR C 86 38.11 -8.38 10.37
C TYR C 86 37.31 -9.36 9.53
N TYR C 87 36.09 -9.63 9.94
CA TYR C 87 35.22 -10.59 9.29
C TYR C 87 33.93 -9.93 8.83
N CYS C 88 33.47 -10.33 7.64
CA CYS C 88 32.16 -9.98 7.14
C CYS C 88 31.14 -11.01 7.60
N GLN C 89 29.86 -10.62 7.56
CA GLN C 89 28.78 -11.58 7.75
C GLN C 89 27.50 -11.00 7.17
N GLN C 90 26.91 -11.68 6.21
CA GLN C 90 25.63 -11.29 5.66
C GLN C 90 24.52 -12.08 6.35
N TYR C 91 23.37 -11.45 6.53
CA TYR C 91 22.22 -12.11 7.14
C TYR C 91 20.98 -11.90 6.30
N ASN C 92 21.12 -12.09 4.99
CA ASN C 92 19.99 -12.20 4.07
C ASN C 92 19.94 -13.64 3.58
N SER C 93 18.76 -14.25 3.69
CA SER C 93 18.57 -15.68 3.45
C SER C 93 19.31 -16.51 4.50
N TYR C 94 18.84 -17.72 4.76
CA TYR C 94 19.37 -18.48 5.88
C TYR C 94 20.76 -19.01 5.57
N SER C 95 21.36 -19.66 6.58
CA SER C 95 22.75 -20.06 6.56
C SER C 95 23.65 -18.84 6.35
N HIS C 96 23.62 -17.95 7.34
CA HIS C 96 24.36 -16.71 7.30
C HIS C 96 25.86 -16.98 7.26
N THR C 97 26.49 -16.72 6.12
CA THR C 97 27.88 -17.08 5.89
C THR C 97 28.81 -15.94 6.27
N PHE C 98 29.99 -16.29 6.75
CA PHE C 98 31.04 -15.33 7.06
C PHE C 98 31.99 -15.20 5.88
N GLY C 99 33.10 -14.50 6.07
CA GLY C 99 34.11 -14.33 5.05
C GLY C 99 35.40 -15.03 5.40
N GLN C 100 36.41 -14.80 4.54
CA GLN C 100 37.72 -15.41 4.77
C GLN C 100 38.38 -14.84 6.02
N GLY C 101 38.32 -13.51 6.18
CA GLY C 101 38.92 -12.88 7.33
C GLY C 101 40.23 -12.19 7.01
N THR C 102 40.19 -10.87 6.84
CA THR C 102 41.39 -10.11 6.49
C THR C 102 42.17 -9.78 7.75
N LYS C 103 43.47 -10.11 7.74
CA LYS C 103 44.36 -9.77 8.84
C LYS C 103 45.16 -8.53 8.46
N LEU C 104 45.12 -7.53 9.32
CA LEU C 104 45.76 -6.24 9.06
C LEU C 104 46.94 -6.11 10.02
N GLU C 105 48.15 -6.05 9.47
CA GLU C 105 49.37 -6.12 10.26
C GLU C 105 50.27 -4.93 9.94
N ILE C 106 51.22 -4.67 10.85
CA ILE C 106 52.13 -3.54 10.73
C ILE C 106 53.10 -3.77 9.59
N LYS C 107 53.82 -2.72 9.20
CA LYS C 107 54.81 -2.78 8.12
C LYS C 107 56.20 -2.88 8.75
N ARG C 108 56.84 -4.02 8.55
CA ARG C 108 58.19 -4.24 9.07
C ARG C 108 59.23 -3.55 8.21
N GLN D 1 27.44 -3.76 28.66
CA GLN D 1 26.19 -3.81 29.41
C GLN D 1 25.88 -5.23 29.87
N VAL D 2 25.53 -6.09 28.92
CA VAL D 2 25.16 -7.47 29.21
C VAL D 2 26.42 -8.30 29.41
N GLN D 3 26.44 -9.13 30.44
CA GLN D 3 27.54 -10.03 30.70
C GLN D 3 27.12 -11.46 30.39
N LEU D 4 27.92 -12.16 29.61
CA LEU D 4 27.67 -13.55 29.25
C LEU D 4 28.79 -14.44 29.79
N VAL D 5 28.40 -15.55 30.39
CA VAL D 5 29.32 -16.50 30.99
C VAL D 5 29.08 -17.87 30.39
N GLN D 6 30.14 -18.55 29.99
CA GLN D 6 30.06 -19.87 29.40
C GLN D 6 30.78 -20.88 30.29
N SER D 7 30.55 -22.16 30.01
CA SER D 7 31.05 -23.24 30.85
C SER D 7 32.54 -23.46 30.59
N GLY D 8 33.09 -24.53 31.16
CA GLY D 8 34.50 -24.84 31.03
C GLY D 8 34.82 -25.64 29.79
N ALA D 9 36.11 -25.95 29.64
CA ALA D 9 36.58 -26.71 28.50
C ALA D 9 36.07 -28.16 28.57
N GLU D 10 35.77 -28.73 27.41
CA GLU D 10 35.20 -30.06 27.32
C GLU D 10 36.09 -30.96 26.48
N VAL D 11 36.31 -32.18 26.96
CA VAL D 11 37.03 -33.21 26.22
C VAL D 11 36.13 -34.45 26.17
N LYS D 12 35.71 -34.82 24.97
CA LYS D 12 34.72 -35.87 24.80
C LYS D 12 35.19 -36.92 23.80
N LYS D 13 34.62 -38.12 23.91
CA LYS D 13 34.83 -39.17 22.94
C LYS D 13 33.93 -38.94 21.72
N PRO D 14 34.30 -39.50 20.56
CA PRO D 14 33.48 -39.29 19.36
C PRO D 14 32.04 -39.74 19.51
N GLY D 15 31.80 -40.85 20.20
CA GLY D 15 30.44 -41.34 20.36
C GLY D 15 29.75 -40.78 21.58
N SER D 16 29.43 -39.49 21.55
CA SER D 16 28.79 -38.83 22.69
C SER D 16 28.10 -37.56 22.21
N SER D 17 27.43 -36.89 23.13
CA SER D 17 26.80 -35.60 22.89
C SER D 17 27.18 -34.64 24.00
N VAL D 18 27.32 -33.36 23.66
CA VAL D 18 27.82 -32.34 24.57
C VAL D 18 26.80 -31.22 24.68
N LYS D 19 26.58 -30.77 25.92
CA LYS D 19 25.64 -29.70 26.23
C LYS D 19 26.42 -28.51 26.78
N VAL D 20 26.39 -27.39 26.07
CA VAL D 20 27.11 -26.18 26.46
C VAL D 20 26.10 -25.15 26.90
N SER D 21 26.33 -24.52 28.04
CA SER D 21 25.42 -23.57 28.65
C SER D 21 25.98 -22.16 28.58
N CYS D 22 25.10 -21.20 28.37
CA CYS D 22 25.45 -19.78 28.20
C CYS D 22 24.50 -18.96 29.07
N LYS D 23 25.03 -18.30 30.09
CA LYS D 23 24.22 -17.53 31.02
C LYS D 23 24.38 -16.04 30.73
N ALA D 24 23.26 -15.33 30.65
CA ALA D 24 23.23 -13.92 30.33
C ALA D 24 22.73 -13.11 31.52
N SER D 25 23.26 -11.90 31.67
CA SER D 25 22.84 -11.00 32.73
C SER D 25 22.80 -9.58 32.19
N GLY D 26 21.64 -8.93 32.32
CA GLY D 26 21.48 -7.54 31.91
C GLY D 26 20.23 -7.29 31.10
N GLY D 27 19.43 -6.32 31.54
CA GLY D 27 18.24 -5.93 30.80
C GLY D 27 17.13 -6.96 30.90
N THR D 28 16.02 -6.64 30.24
CA THR D 28 14.91 -7.59 30.14
C THR D 28 15.33 -8.77 29.27
N PHE D 29 15.13 -9.98 29.78
CA PHE D 29 15.73 -11.15 29.16
C PHE D 29 14.88 -11.72 28.03
N SER D 30 13.63 -11.27 27.90
CA SER D 30 12.74 -11.80 26.88
C SER D 30 12.85 -11.05 25.55
N SER D 31 13.65 -10.00 25.48
CA SER D 31 13.86 -9.26 24.24
C SER D 31 15.07 -9.75 23.45
N TYR D 32 15.77 -10.75 23.97
CA TYR D 32 17.03 -11.20 23.39
C TYR D 32 16.79 -12.39 22.45
N SER D 33 17.69 -12.52 21.47
CA SER D 33 17.76 -13.68 20.61
C SER D 33 19.14 -14.29 20.72
N PHE D 34 19.22 -15.61 20.63
CA PHE D 34 20.48 -16.32 20.90
C PHE D 34 21.03 -16.93 19.63
N ILE D 35 22.30 -16.65 19.35
CA ILE D 35 22.98 -17.13 18.15
C ILE D 35 24.21 -17.91 18.60
N TRP D 36 24.52 -19.00 17.91
CA TRP D 36 25.69 -19.78 18.27
C TRP D 36 26.65 -19.90 17.10
N VAL D 37 27.94 -19.68 17.36
CA VAL D 37 28.97 -19.65 16.33
C VAL D 37 30.09 -20.58 16.75
N ARG D 38 30.84 -21.04 15.74
CA ARG D 38 31.98 -21.96 15.98
C ARG D 38 33.21 -21.46 15.26
N GLN D 39 34.38 -21.72 15.81
CA GLN D 39 35.65 -21.33 15.20
C GLN D 39 36.64 -22.46 15.40
N ALA D 40 37.03 -23.12 14.32
CA ALA D 40 38.07 -24.12 14.42
C ALA D 40 39.42 -23.43 14.68
N PRO D 41 40.35 -24.13 15.33
CA PRO D 41 41.66 -23.51 15.61
C PRO D 41 42.42 -23.10 14.35
N GLY D 42 42.16 -23.75 13.22
CA GLY D 42 42.87 -23.48 11.99
C GLY D 42 42.15 -22.66 10.95
N GLN D 43 41.01 -22.08 11.27
CA GLN D 43 40.25 -21.31 10.29
C GLN D 43 39.37 -20.30 11.02
N GLY D 44 38.48 -19.64 10.26
CA GLY D 44 37.70 -18.54 10.77
C GLY D 44 36.39 -18.97 11.41
N LEU D 45 35.45 -18.03 11.45
CA LEU D 45 34.17 -18.27 12.11
C LEU D 45 33.22 -19.02 11.18
N GLU D 46 32.16 -19.58 11.78
CA GLU D 46 31.13 -20.29 11.04
C GLU D 46 29.86 -20.30 11.85
N TRP D 47 28.76 -19.90 11.22
CA TRP D 47 27.47 -19.75 11.88
C TRP D 47 26.72 -21.08 11.95
N MET D 48 26.05 -21.32 13.07
CA MET D 48 25.26 -22.52 13.23
C MET D 48 23.76 -22.26 13.25
N GLY D 49 23.28 -21.43 14.17
CA GLY D 49 21.85 -21.34 14.37
C GLY D 49 21.47 -20.18 15.26
N ARG D 50 20.18 -19.85 15.21
CA ARG D 50 19.59 -18.73 15.91
C ARG D 50 18.22 -19.13 16.46
N ILE D 51 17.96 -18.75 17.70
CA ILE D 51 16.69 -19.01 18.36
C ILE D 51 16.11 -17.70 18.85
N ILE D 52 14.80 -17.55 18.68
CA ILE D 52 14.05 -16.44 19.28
C ILE D 52 13.27 -17.03 20.44
N PRO D 53 13.76 -16.93 21.68
CA PRO D 53 13.11 -17.62 22.80
C PRO D 53 11.68 -17.19 23.03
N ILE D 54 11.35 -15.93 22.76
CA ILE D 54 10.03 -15.42 23.11
C ILE D 54 9.02 -15.62 21.98
N LEU D 55 9.48 -15.72 20.72
CA LEU D 55 8.60 -16.08 19.63
C LEU D 55 8.59 -17.58 19.34
N GLY D 56 9.52 -18.32 19.93
CA GLY D 56 9.54 -19.76 19.77
C GLY D 56 9.84 -20.26 18.38
N ILE D 57 10.81 -19.67 17.69
CA ILE D 57 11.28 -20.16 16.40
C ILE D 57 12.79 -20.37 16.48
N ALA D 58 13.23 -21.55 16.07
CA ALA D 58 14.64 -21.92 16.08
C ALA D 58 15.04 -22.41 14.70
N ASN D 59 16.13 -21.87 14.16
CA ASN D 59 16.59 -22.26 12.84
C ASN D 59 18.09 -22.48 12.85
N TYR D 60 18.49 -23.63 12.30
CA TYR D 60 19.87 -24.09 12.32
C TYR D 60 20.43 -24.11 10.91
N ALA D 61 21.74 -24.29 10.81
CA ALA D 61 22.38 -24.42 9.52
C ALA D 61 21.97 -25.70 8.82
N GLN D 62 22.03 -25.68 7.49
CA GLN D 62 21.64 -26.86 6.72
C GLN D 62 22.56 -28.05 7.01
N LYS D 63 23.86 -27.80 7.14
CA LYS D 63 24.82 -28.87 7.36
C LYS D 63 24.54 -29.60 8.68
N PHE D 64 24.28 -28.85 9.74
CA PHE D 64 24.13 -29.41 11.08
C PHE D 64 22.70 -29.89 11.36
N GLN D 65 21.89 -30.10 10.32
CA GLN D 65 20.52 -30.55 10.53
C GLN D 65 20.51 -31.96 11.09
N GLY D 66 19.73 -32.18 12.14
CA GLY D 66 19.67 -33.46 12.80
C GLY D 66 20.82 -33.76 13.72
N ARG D 67 21.75 -32.82 13.90
CA ARG D 67 22.92 -33.02 14.75
C ARG D 67 22.98 -32.07 15.94
N VAL D 68 22.41 -30.88 15.84
CA VAL D 68 22.51 -29.87 16.89
C VAL D 68 21.13 -29.36 17.22
N THR D 69 20.93 -29.02 18.50
CA THR D 69 19.72 -28.34 18.95
C THR D 69 20.12 -27.20 19.87
N ILE D 70 19.33 -26.13 19.84
CA ILE D 70 19.55 -24.95 20.66
C ILE D 70 18.25 -24.63 21.37
N THR D 71 18.28 -24.59 22.70
CA THR D 71 17.11 -24.28 23.51
C THR D 71 17.46 -23.19 24.49
N ALA D 72 16.45 -22.69 25.20
CA ALA D 72 16.64 -21.66 26.21
C ALA D 72 15.73 -21.94 27.40
N ASP D 73 16.11 -21.39 28.55
CA ASP D 73 15.33 -21.51 29.77
C ASP D 73 15.13 -20.12 30.35
N LYS D 74 13.86 -19.73 30.53
CA LYS D 74 13.51 -18.37 30.92
C LYS D 74 13.83 -18.11 32.39
N SER D 75 13.50 -19.07 33.26
CA SER D 75 13.68 -18.84 34.70
C SER D 75 15.14 -18.80 35.07
N THR D 76 15.94 -19.73 34.54
CA THR D 76 17.38 -19.70 34.75
C THR D 76 18.06 -18.62 33.91
N THR D 77 17.34 -18.06 32.93
CA THR D 77 17.85 -17.01 32.04
C THR D 77 19.09 -17.49 31.29
N THR D 78 19.03 -18.71 30.78
CA THR D 78 20.20 -19.29 30.12
C THR D 78 19.80 -19.88 28.78
N ALA D 79 20.83 -20.23 28.00
CA ALA D 79 20.66 -20.93 26.73
C ALA D 79 21.53 -22.17 26.74
N TYR D 80 21.11 -23.19 26.00
CA TYR D 80 21.83 -24.45 25.92
C TYR D 80 21.95 -24.87 24.46
N MET D 81 23.12 -25.39 24.11
CA MET D 81 23.36 -25.96 22.79
C MET D 81 23.84 -27.40 22.97
N GLU D 82 23.09 -28.34 22.41
CA GLU D 82 23.43 -29.75 22.46
C GLU D 82 23.90 -30.18 21.08
N LEU D 83 25.13 -30.69 21.02
CA LEU D 83 25.73 -31.20 19.79
C LEU D 83 25.88 -32.70 19.91
N SER D 84 25.34 -33.43 18.94
CA SER D 84 25.33 -34.89 18.95
C SER D 84 26.19 -35.44 17.83
N SER D 85 26.66 -36.68 18.01
CA SER D 85 27.51 -37.37 17.05
C SER D 85 28.78 -36.57 16.76
N LEU D 86 29.58 -36.38 17.79
CA LEU D 86 30.81 -35.63 17.66
C LEU D 86 31.81 -36.37 16.78
N ARG D 87 32.50 -35.62 15.92
CA ARG D 87 33.48 -36.17 15.01
C ARG D 87 34.80 -35.44 15.17
N SER D 88 35.88 -36.11 14.76
CA SER D 88 37.22 -35.56 14.96
C SER D 88 37.42 -34.21 14.30
N GLU D 89 36.61 -33.88 13.30
CA GLU D 89 36.69 -32.58 12.63
C GLU D 89 35.79 -31.54 13.29
N ASP D 90 35.12 -31.87 14.39
CA ASP D 90 34.21 -30.95 15.06
C ASP D 90 34.82 -30.28 16.28
N THR D 91 36.09 -30.50 16.57
CA THR D 91 36.74 -29.79 17.67
C THR D 91 36.88 -28.32 17.32
N ALA D 92 36.56 -27.46 18.29
CA ALA D 92 36.60 -26.01 18.01
C ALA D 92 36.22 -25.19 19.23
N VAL D 93 36.23 -23.87 19.09
CA VAL D 93 35.85 -22.95 20.15
C VAL D 93 34.48 -22.40 19.83
N TYR D 94 33.57 -22.57 20.80
CA TYR D 94 32.14 -22.22 20.57
C TYR D 94 31.81 -20.89 21.26
N TYR D 95 31.14 -20.00 20.55
CA TYR D 95 30.82 -18.66 21.01
C TYR D 95 29.31 -18.46 21.08
N CYS D 96 28.85 -17.94 22.20
CA CYS D 96 27.46 -17.56 22.44
C CYS D 96 27.30 -16.08 22.14
N ALA D 97 26.28 -15.73 21.36
CA ALA D 97 26.07 -14.36 20.97
C ALA D 97 24.60 -13.98 21.16
N ARG D 98 24.33 -12.70 21.37
CA ARG D 98 22.95 -12.28 21.68
C ARG D 98 22.55 -11.10 20.80
N GLY D 99 21.48 -11.24 20.00
CA GLY D 99 20.99 -10.10 19.21
C GLY D 99 20.12 -9.21 20.10
N THR D 100 19.23 -8.41 19.51
CA THR D 100 18.30 -7.59 20.32
C THR D 100 17.12 -7.16 19.45
N GLU D 101 15.93 -7.03 20.03
CA GLU D 101 14.72 -6.67 19.24
C GLU D 101 14.89 -5.28 18.64
N TYR D 102 15.34 -4.31 19.43
CA TYR D 102 15.46 -2.92 18.94
C TYR D 102 16.51 -2.85 17.82
N GLY D 103 17.69 -3.39 18.07
CA GLY D 103 18.75 -3.43 17.03
C GLY D 103 18.40 -4.43 15.95
N ASP D 104 19.03 -5.61 15.97
CA ASP D 104 18.64 -6.66 14.99
C ASP D 104 18.71 -8.02 15.69
N TYR D 105 17.87 -8.96 15.29
CA TYR D 105 17.83 -10.30 15.95
C TYR D 105 18.83 -11.23 15.26
N ASP D 106 19.40 -10.81 14.13
CA ASP D 106 20.29 -11.71 13.36
C ASP D 106 21.75 -11.34 13.60
N VAL D 107 22.03 -10.06 13.88
CA VAL D 107 23.40 -9.66 14.20
C VAL D 107 23.71 -10.05 15.64
N SER D 108 24.99 -10.03 15.99
CA SER D 108 25.45 -10.40 17.32
C SER D 108 26.02 -9.17 18.00
N HIS D 109 25.37 -8.71 19.08
CA HIS D 109 25.81 -7.51 19.77
C HIS D 109 26.83 -7.83 20.87
N ASP D 110 26.52 -8.77 21.75
CA ASP D 110 27.41 -9.16 22.83
C ASP D 110 27.84 -10.60 22.66
N TRP D 111 29.11 -10.86 22.96
CA TRP D 111 29.73 -12.16 22.72
C TRP D 111 30.24 -12.76 24.03
N GLY D 112 30.15 -14.08 24.11
CA GLY D 112 30.69 -14.79 25.25
C GLY D 112 32.17 -15.07 25.10
N GLN D 113 32.75 -15.65 26.15
CA GLN D 113 34.17 -15.99 26.13
C GLN D 113 34.46 -17.28 25.38
N GLY D 114 33.43 -18.05 25.03
CA GLY D 114 33.60 -19.26 24.27
C GLY D 114 34.13 -20.41 25.10
N THR D 115 33.82 -21.63 24.65
CA THR D 115 34.30 -22.85 25.28
C THR D 115 35.06 -23.68 24.27
N LEU D 116 36.18 -24.28 24.71
CA LEU D 116 36.97 -25.14 23.85
C LEU D 116 36.45 -26.57 23.98
N VAL D 117 36.05 -27.16 22.86
CA VAL D 117 35.56 -28.53 22.82
C VAL D 117 36.50 -29.36 21.96
N THR D 118 37.12 -30.36 22.56
CA THR D 118 38.01 -31.28 21.87
C THR D 118 37.41 -32.68 21.91
N VAL D 119 37.35 -33.33 20.75
CA VAL D 119 36.77 -34.65 20.63
C VAL D 119 37.81 -35.57 19.99
N SER D 120 38.21 -36.61 20.72
CA SER D 120 39.25 -37.53 20.29
C SER D 120 39.19 -38.76 21.18
N SER D 121 40.19 -39.63 21.02
CA SER D 121 40.28 -40.84 21.81
C SER D 121 41.37 -40.72 22.87
N ASP E 1 -15.74 -13.00 -1.20
CA ASP E 1 -16.17 -12.92 -2.59
C ASP E 1 -17.69 -13.04 -2.70
N ILE E 2 -18.31 -12.05 -3.31
CA ILE E 2 -19.75 -12.06 -3.53
C ILE E 2 -20.04 -12.98 -4.72
N GLN E 3 -20.91 -13.97 -4.50
CA GLN E 3 -21.27 -14.93 -5.54
C GLN E 3 -22.55 -14.47 -6.21
N MET E 4 -22.53 -14.37 -7.53
CA MET E 4 -23.63 -13.86 -8.32
C MET E 4 -24.33 -15.00 -9.06
N THR E 5 -25.64 -15.11 -8.88
CA THR E 5 -26.44 -16.11 -9.55
C THR E 5 -27.43 -15.44 -10.48
N GLN E 6 -27.85 -16.15 -11.52
CA GLN E 6 -28.79 -15.64 -12.49
C GLN E 6 -29.94 -16.61 -12.65
N SER E 7 -31.08 -16.09 -13.12
CA SER E 7 -32.26 -16.90 -13.31
C SER E 7 -33.12 -16.32 -14.42
N PRO E 8 -33.71 -17.16 -15.28
CA PRO E 8 -33.47 -18.62 -15.30
C PRO E 8 -32.18 -18.95 -16.06
N SER E 9 -31.67 -20.17 -15.86
CA SER E 9 -30.44 -20.56 -16.55
C SER E 9 -30.63 -20.59 -18.06
N THR E 10 -31.77 -21.10 -18.52
CA THR E 10 -32.09 -21.11 -19.94
C THR E 10 -33.54 -20.68 -20.11
N LEU E 11 -33.78 -19.74 -21.01
CA LEU E 11 -35.10 -19.19 -21.25
C LEU E 11 -35.46 -19.35 -22.72
N SER E 12 -36.72 -19.70 -22.98
CA SER E 12 -37.24 -19.86 -24.32
C SER E 12 -38.30 -18.80 -24.59
N ALA E 13 -38.14 -18.05 -25.66
CA ALA E 13 -39.03 -16.94 -25.98
C ALA E 13 -39.31 -16.93 -27.48
N SER E 14 -40.00 -15.89 -27.92
CA SER E 14 -40.35 -15.72 -29.33
C SER E 14 -40.25 -14.24 -29.67
N VAL E 15 -40.08 -13.96 -30.96
CA VAL E 15 -39.91 -12.59 -31.42
C VAL E 15 -41.18 -11.80 -31.18
N GLY E 16 -41.05 -10.61 -30.61
CA GLY E 16 -42.17 -9.76 -30.28
C GLY E 16 -42.57 -9.78 -28.82
N ASP E 17 -42.03 -10.68 -28.02
CA ASP E 17 -42.39 -10.80 -26.62
C ASP E 17 -41.55 -9.85 -25.76
N ARG E 18 -41.90 -9.78 -24.48
CA ARG E 18 -41.15 -9.03 -23.49
C ARG E 18 -40.56 -10.02 -22.50
N VAL E 19 -39.23 -9.98 -22.33
CA VAL E 19 -38.56 -11.00 -21.53
C VAL E 19 -37.82 -10.34 -20.38
N THR E 20 -37.63 -11.11 -19.31
CA THR E 20 -37.02 -10.63 -18.08
C THR E 20 -36.02 -11.64 -17.55
N ILE E 21 -34.91 -11.14 -17.03
CA ILE E 21 -33.85 -11.95 -16.43
C ILE E 21 -33.50 -11.36 -15.08
N THR E 22 -33.39 -12.22 -14.06
CA THR E 22 -33.11 -11.78 -12.70
C THR E 22 -31.69 -12.17 -12.31
N CYS E 23 -31.05 -11.32 -11.52
CA CYS E 23 -29.67 -11.52 -11.08
C CYS E 23 -29.60 -11.19 -9.60
N ARG E 24 -29.08 -12.13 -8.80
CA ARG E 24 -29.03 -11.98 -7.36
C ARG E 24 -27.59 -12.10 -6.86
N ALA E 25 -27.23 -11.23 -5.93
CA ALA E 25 -25.92 -11.24 -5.31
C ALA E 25 -26.01 -11.82 -3.91
N SER E 26 -24.97 -12.55 -3.50
CA SER E 26 -24.96 -13.15 -2.16
C SER E 26 -24.96 -12.08 -1.09
N GLN E 27 -24.19 -11.01 -1.27
CA GLN E 27 -24.13 -9.90 -0.35
C GLN E 27 -24.53 -8.61 -1.06
N SER E 28 -24.67 -7.54 -0.28
CA SER E 28 -25.03 -6.25 -0.85
C SER E 28 -23.90 -5.71 -1.72
N ILE E 29 -24.25 -5.17 -2.87
CA ILE E 29 -23.28 -4.62 -3.81
C ILE E 29 -23.69 -3.20 -4.18
N SER E 30 -24.52 -2.58 -3.35
CA SER E 30 -25.08 -1.27 -3.66
C SER E 30 -25.76 -1.29 -5.02
N SER E 31 -25.55 -0.24 -5.81
CA SER E 31 -26.14 -0.14 -7.15
C SER E 31 -25.12 -0.35 -8.26
N TRP E 32 -24.00 -1.00 -7.96
CA TRP E 32 -22.94 -1.22 -8.94
C TRP E 32 -23.21 -2.55 -9.65
N LEU E 33 -23.60 -2.47 -10.91
CA LEU E 33 -23.90 -3.67 -11.68
C LEU E 33 -23.77 -3.35 -13.17
N ALA E 34 -23.45 -4.37 -13.95
CA ALA E 34 -23.31 -4.24 -15.39
C ALA E 34 -23.81 -5.51 -16.06
N TRP E 35 -24.37 -5.34 -17.26
CA TRP E 35 -24.89 -6.43 -18.07
C TRP E 35 -24.17 -6.47 -19.40
N TYR E 36 -23.84 -7.68 -19.86
CA TYR E 36 -23.15 -7.86 -21.13
C TYR E 36 -23.90 -8.86 -22.00
N GLN E 37 -23.87 -8.63 -23.30
CA GLN E 37 -24.45 -9.52 -24.30
C GLN E 37 -23.32 -10.10 -25.16
N GLN E 38 -23.30 -11.42 -25.29
CA GLN E 38 -22.29 -12.11 -26.08
C GLN E 38 -22.97 -13.02 -27.08
N LYS E 39 -22.63 -12.85 -28.35
CA LYS E 39 -23.06 -13.76 -29.40
C LYS E 39 -22.16 -14.98 -29.42
N PRO E 40 -22.62 -16.09 -30.00
CA PRO E 40 -21.75 -17.29 -30.10
C PRO E 40 -20.46 -17.03 -30.86
N GLY E 41 -19.33 -17.13 -30.16
CA GLY E 41 -18.03 -16.99 -30.78
C GLY E 41 -17.55 -15.58 -30.99
N LYS E 42 -18.24 -14.58 -30.46
CA LYS E 42 -17.86 -13.18 -30.62
C LYS E 42 -17.57 -12.55 -29.27
N ALA E 43 -16.97 -11.37 -29.31
CA ALA E 43 -16.65 -10.65 -28.09
C ALA E 43 -17.92 -10.10 -27.45
N PRO E 44 -17.94 -9.98 -26.13
CA PRO E 44 -19.12 -9.43 -25.45
C PRO E 44 -19.31 -7.95 -25.76
N LYS E 45 -20.52 -7.48 -25.51
CA LYS E 45 -20.89 -6.09 -25.74
C LYS E 45 -21.59 -5.55 -24.50
N LEU E 46 -21.14 -4.38 -24.03
CA LEU E 46 -21.76 -3.77 -22.86
C LEU E 46 -23.13 -3.23 -23.21
N LEU E 47 -24.09 -3.43 -22.31
CA LEU E 47 -25.46 -2.94 -22.51
C LEU E 47 -25.86 -1.93 -21.45
N ILE E 48 -25.72 -2.26 -20.17
CA ILE E 48 -26.18 -1.41 -19.07
C ILE E 48 -25.12 -1.42 -17.99
N TYR E 49 -24.78 -0.23 -17.48
CA TYR E 49 -23.92 -0.11 -16.31
C TYR E 49 -24.61 0.78 -15.29
N LYS E 50 -24.28 0.60 -14.01
CA LYS E 50 -24.95 1.32 -12.90
C LYS E 50 -26.32 0.70 -12.68
N ALA E 51 -26.63 -0.39 -13.39
CA ALA E 51 -27.89 -1.13 -13.25
C ALA E 51 -29.08 -0.38 -13.81
N SER E 52 -28.91 0.89 -14.19
CA SER E 52 -29.99 1.63 -14.82
C SER E 52 -29.55 2.35 -16.08
N SER E 53 -28.29 2.79 -16.12
CA SER E 53 -27.81 3.60 -17.23
C SER E 53 -27.53 2.74 -18.45
N LEU E 54 -27.89 3.26 -19.62
CA LEU E 54 -27.67 2.56 -20.88
C LEU E 54 -26.41 3.10 -21.56
N GLU E 55 -25.57 2.18 -22.04
CA GLU E 55 -24.42 2.58 -22.83
C GLU E 55 -24.87 3.20 -24.15
N SER E 56 -24.17 4.24 -24.59
CA SER E 56 -24.54 4.92 -25.82
C SER E 56 -24.48 3.98 -27.01
N GLY E 57 -25.54 4.01 -27.83
CA GLY E 57 -25.66 3.14 -28.98
C GLY E 57 -26.54 1.93 -28.76
N VAL E 58 -26.80 1.56 -27.52
CA VAL E 58 -27.66 0.41 -27.23
C VAL E 58 -29.10 0.77 -27.59
N PRO E 59 -29.86 -0.13 -28.23
CA PRO E 59 -31.26 0.16 -28.51
C PRO E 59 -32.05 0.41 -27.24
N SER E 60 -33.04 1.30 -27.33
CA SER E 60 -33.78 1.74 -26.16
C SER E 60 -34.72 0.69 -25.60
N ARG E 61 -34.93 -0.43 -26.30
CA ARG E 61 -35.87 -1.43 -25.82
C ARG E 61 -35.34 -2.22 -24.61
N PHE E 62 -34.06 -2.09 -24.27
CA PHE E 62 -33.51 -2.70 -23.08
C PHE E 62 -33.73 -1.78 -21.89
N SER E 63 -33.91 -2.37 -20.70
CA SER E 63 -34.02 -1.56 -19.49
C SER E 63 -33.81 -2.43 -18.26
N GLY E 64 -33.03 -1.92 -17.32
CA GLY E 64 -32.73 -2.66 -16.11
C GLY E 64 -33.05 -1.85 -14.87
N SER E 65 -33.14 -2.55 -13.74
CA SER E 65 -33.46 -1.90 -12.48
C SER E 65 -33.08 -2.81 -11.32
N GLY E 66 -32.65 -2.18 -10.22
CA GLY E 66 -32.32 -2.92 -9.03
C GLY E 66 -31.73 -2.04 -7.93
N SER E 67 -31.82 -2.49 -6.68
CA SER E 67 -31.32 -1.73 -5.54
C SER E 67 -30.16 -2.43 -4.86
N GLY E 68 -30.32 -3.68 -4.44
CA GLY E 68 -29.26 -4.42 -3.78
C GLY E 68 -29.66 -5.85 -3.51
N THR E 69 -28.78 -6.79 -3.86
CA THR E 69 -29.04 -8.23 -3.77
C THR E 69 -30.25 -8.65 -4.60
N GLU E 70 -30.73 -7.78 -5.48
CA GLU E 70 -31.87 -8.10 -6.34
C GLU E 70 -31.84 -7.15 -7.53
N PHE E 71 -31.57 -7.68 -8.71
CA PHE E 71 -31.51 -6.87 -9.92
C PHE E 71 -32.24 -7.59 -11.04
N THR E 72 -32.69 -6.81 -12.02
CA THR E 72 -33.42 -7.39 -13.13
C THR E 72 -33.15 -6.60 -14.40
N LEU E 73 -33.26 -7.29 -15.53
CA LEU E 73 -33.14 -6.69 -16.85
C LEU E 73 -34.31 -7.17 -17.69
N THR E 74 -34.78 -6.31 -18.59
CA THR E 74 -35.93 -6.68 -19.42
C THR E 74 -35.76 -6.11 -20.82
N ILE E 75 -36.28 -6.86 -21.78
CA ILE E 75 -36.39 -6.43 -23.17
C ILE E 75 -37.89 -6.31 -23.48
N SER E 76 -38.32 -5.10 -23.83
CA SER E 76 -39.74 -4.84 -24.01
C SER E 76 -40.27 -5.49 -25.28
N SER E 77 -39.51 -5.43 -26.36
CA SER E 77 -39.90 -6.04 -27.63
C SER E 77 -38.72 -6.85 -28.14
N LEU E 78 -38.82 -8.17 -28.05
CA LEU E 78 -37.71 -9.03 -28.43
C LEU E 78 -37.55 -9.04 -29.94
N GLN E 79 -36.31 -8.91 -30.39
CA GLN E 79 -35.96 -8.83 -31.80
C GLN E 79 -35.16 -10.05 -32.23
N PRO E 80 -35.15 -10.37 -33.52
CA PRO E 80 -34.38 -11.53 -33.99
C PRO E 80 -32.90 -11.44 -33.70
N ASP E 81 -32.36 -10.23 -33.52
CA ASP E 81 -30.93 -10.05 -33.28
C ASP E 81 -30.59 -10.20 -31.80
N ASP E 82 -31.59 -10.22 -30.92
CA ASP E 82 -31.35 -10.18 -29.48
C ASP E 82 -31.11 -11.55 -28.86
N PHE E 83 -31.05 -12.61 -29.65
CA PHE E 83 -30.82 -13.96 -29.13
C PHE E 83 -29.32 -14.14 -28.90
N ALA E 84 -28.91 -14.17 -27.63
CA ALA E 84 -27.50 -14.29 -27.27
C ALA E 84 -27.41 -14.74 -25.83
N THR E 85 -26.22 -14.68 -25.25
CA THR E 85 -25.98 -15.03 -23.86
C THR E 85 -25.75 -13.75 -23.06
N TYR E 86 -26.38 -13.66 -21.89
CA TYR E 86 -26.35 -12.44 -21.08
C TYR E 86 -25.65 -12.72 -19.76
N TYR E 87 -24.72 -11.84 -19.40
CA TYR E 87 -23.88 -12.01 -18.22
C TYR E 87 -24.00 -10.81 -17.29
N CYS E 88 -24.02 -11.10 -16.00
CA CYS E 88 -23.93 -10.09 -14.96
C CYS E 88 -22.48 -9.77 -14.64
N GLN E 89 -22.27 -8.64 -13.98
CA GLN E 89 -20.97 -8.36 -13.37
C GLN E 89 -21.16 -7.28 -12.30
N GLN E 90 -20.63 -7.54 -11.11
CA GLN E 90 -20.64 -6.56 -10.03
C GLN E 90 -19.23 -6.05 -9.81
N TYR E 91 -19.07 -4.74 -9.74
CA TYR E 91 -17.76 -4.13 -9.51
C TYR E 91 -17.73 -3.38 -8.18
N ASN E 92 -18.31 -3.97 -7.15
CA ASN E 92 -18.17 -3.53 -5.78
C ASN E 92 -17.28 -4.54 -5.06
N SER E 93 -16.19 -4.04 -4.45
CA SER E 93 -15.17 -4.87 -3.83
C SER E 93 -14.40 -5.67 -4.88
N TYR E 94 -13.13 -5.96 -4.61
CA TYR E 94 -12.28 -6.61 -5.59
C TYR E 94 -12.77 -8.02 -5.91
N SER E 95 -12.15 -8.62 -6.92
CA SER E 95 -12.62 -9.86 -7.51
C SER E 95 -14.04 -9.69 -8.06
N HIS E 96 -14.15 -8.87 -9.10
CA HIS E 96 -15.44 -8.54 -9.70
C HIS E 96 -15.95 -9.77 -10.44
N THR E 97 -16.77 -10.56 -9.75
CA THR E 97 -17.26 -11.81 -10.32
C THR E 97 -18.32 -11.55 -11.39
N PHE E 98 -18.37 -12.45 -12.36
CA PHE E 98 -19.41 -12.46 -13.37
C PHE E 98 -20.56 -13.35 -12.91
N GLY E 99 -21.49 -13.65 -13.81
CA GLY E 99 -22.58 -14.55 -13.54
C GLY E 99 -22.45 -15.85 -14.32
N GLN E 100 -23.40 -16.76 -14.03
CA GLN E 100 -23.43 -18.04 -14.73
C GLN E 100 -23.71 -17.84 -16.21
N GLY E 101 -24.65 -16.96 -16.55
CA GLY E 101 -24.98 -16.70 -17.94
C GLY E 101 -26.31 -17.28 -18.36
N THR E 102 -27.27 -16.40 -18.67
CA THR E 102 -28.58 -16.82 -19.12
C THR E 102 -28.61 -16.82 -20.65
N LYS E 103 -29.05 -17.93 -21.23
CA LYS E 103 -29.04 -18.10 -22.67
C LYS E 103 -30.45 -17.91 -23.22
N LEU E 104 -30.55 -17.22 -24.34
CA LEU E 104 -31.82 -16.89 -24.97
C LEU E 104 -31.96 -17.67 -26.27
N GLU E 105 -33.06 -18.40 -26.42
CA GLU E 105 -33.28 -19.23 -27.60
C GLU E 105 -34.63 -18.94 -28.23
N ILE E 106 -35.03 -19.76 -29.21
CA ILE E 106 -36.24 -19.54 -29.97
C ILE E 106 -37.19 -20.70 -29.74
N LYS E 107 -38.45 -20.37 -29.47
CA LYS E 107 -39.49 -21.37 -29.31
C LYS E 107 -39.87 -21.99 -30.65
N ARG E 108 -40.14 -23.29 -30.64
CA ARG E 108 -40.58 -23.98 -31.85
C ARG E 108 -41.86 -24.78 -31.58
N GLN F 1 -15.00 4.30 -33.29
CA GLN F 1 -13.93 5.24 -33.03
C GLN F 1 -12.71 4.54 -32.45
N VAL F 2 -12.78 4.22 -31.16
CA VAL F 2 -11.68 3.58 -30.45
C VAL F 2 -11.80 2.07 -30.62
N GLN F 3 -10.73 1.45 -31.14
CA GLN F 3 -10.70 0.02 -31.36
C GLN F 3 -9.40 -0.57 -30.85
N LEU F 4 -9.46 -1.85 -30.50
CA LEU F 4 -8.34 -2.58 -29.92
C LEU F 4 -8.02 -3.79 -30.77
N VAL F 5 -6.72 -4.09 -30.91
CA VAL F 5 -6.23 -5.20 -31.70
C VAL F 5 -5.32 -6.05 -30.82
N GLN F 6 -5.53 -7.36 -30.84
CA GLN F 6 -4.76 -8.29 -30.03
C GLN F 6 -3.88 -9.17 -30.92
N SER F 7 -2.93 -9.85 -30.29
CA SER F 7 -2.00 -10.70 -31.01
C SER F 7 -2.69 -11.98 -31.48
N GLY F 8 -1.90 -12.88 -32.07
CA GLY F 8 -2.42 -14.12 -32.58
C GLY F 8 -2.50 -15.22 -31.54
N ALA F 9 -3.01 -16.36 -31.97
CA ALA F 9 -3.16 -17.50 -31.08
C ALA F 9 -1.79 -18.03 -30.66
N GLU F 10 -1.74 -18.63 -29.47
CA GLU F 10 -0.50 -19.12 -28.90
C GLU F 10 -0.66 -20.55 -28.44
N VAL F 11 0.40 -21.34 -28.62
CA VAL F 11 0.47 -22.72 -28.14
C VAL F 11 1.72 -22.86 -27.30
N LYS F 12 1.56 -23.25 -26.04
CA LYS F 12 2.67 -23.28 -25.09
C LYS F 12 2.70 -24.59 -24.33
N LYS F 13 3.89 -24.97 -23.89
CA LYS F 13 4.07 -26.10 -23.00
C LYS F 13 3.68 -25.72 -21.59
N PRO F 14 3.32 -26.69 -20.74
CA PRO F 14 2.90 -26.36 -19.37
C PRO F 14 3.92 -25.55 -18.59
N GLY F 15 5.20 -25.86 -18.73
CA GLY F 15 6.23 -25.14 -18.01
C GLY F 15 6.78 -23.96 -18.77
N SER F 16 5.97 -22.92 -18.96
CA SER F 16 6.40 -21.76 -19.73
C SER F 16 5.64 -20.53 -19.25
N SER F 17 5.76 -19.44 -20.00
CA SER F 17 5.06 -18.20 -19.71
C SER F 17 4.62 -17.58 -21.03
N VAL F 18 3.57 -16.76 -20.97
CA VAL F 18 2.95 -16.19 -22.16
C VAL F 18 2.76 -14.69 -21.99
N LYS F 19 3.06 -13.96 -23.05
CA LYS F 19 2.86 -12.51 -23.11
C LYS F 19 1.82 -12.20 -24.19
N VAL F 20 0.77 -11.49 -23.80
CA VAL F 20 -0.30 -11.11 -24.73
C VAL F 20 -0.35 -9.59 -24.81
N SER F 21 -0.36 -9.07 -26.04
CA SER F 21 -0.33 -7.64 -26.29
C SER F 21 -1.71 -7.15 -26.73
N CYS F 22 -1.97 -5.87 -26.47
CA CYS F 22 -3.27 -5.27 -26.75
C CYS F 22 -3.03 -3.82 -27.15
N LYS F 23 -3.14 -3.52 -28.44
CA LYS F 23 -2.87 -2.19 -28.96
C LYS F 23 -4.17 -1.46 -29.22
N ALA F 24 -4.33 -0.29 -28.59
CA ALA F 24 -5.55 0.49 -28.69
C ALA F 24 -5.30 1.74 -29.52
N SER F 25 -6.30 2.15 -30.29
CA SER F 25 -6.17 3.33 -31.13
C SER F 25 -7.40 4.20 -30.97
N GLY F 26 -7.20 5.51 -30.98
CA GLY F 26 -8.30 6.45 -30.90
C GLY F 26 -8.37 7.14 -29.55
N GLY F 27 -8.58 8.46 -29.58
CA GLY F 27 -8.71 9.23 -28.36
C GLY F 27 -7.37 9.46 -27.67
N THR F 28 -7.46 9.83 -26.40
CA THR F 28 -6.29 10.07 -25.56
C THR F 28 -6.00 8.84 -24.71
N PHE F 29 -4.72 8.48 -24.64
CA PHE F 29 -4.33 7.23 -23.99
C PHE F 29 -4.35 7.32 -22.48
N SER F 30 -4.06 8.49 -21.92
CA SER F 30 -3.90 8.61 -20.47
C SER F 30 -5.23 8.54 -19.72
N SER F 31 -6.36 8.74 -20.41
CA SER F 31 -7.67 8.71 -19.78
C SER F 31 -8.31 7.33 -19.84
N TYR F 32 -7.51 6.27 -19.90
CA TYR F 32 -8.01 4.92 -20.10
C TYR F 32 -7.60 4.01 -18.95
N SER F 33 -8.37 2.95 -18.75
CA SER F 33 -8.05 1.89 -17.82
C SER F 33 -8.18 0.56 -18.55
N PHE F 34 -7.31 -0.40 -18.24
CA PHE F 34 -7.27 -1.64 -18.99
C PHE F 34 -7.56 -2.82 -18.08
N ILE F 35 -8.54 -3.64 -18.47
CA ILE F 35 -8.89 -4.84 -17.72
C ILE F 35 -8.74 -6.05 -18.62
N TRP F 36 -8.48 -7.19 -18.01
CA TRP F 36 -8.26 -8.43 -18.75
C TRP F 36 -9.23 -9.49 -18.27
N VAL F 37 -9.86 -10.19 -19.22
CA VAL F 37 -10.89 -11.18 -18.93
C VAL F 37 -10.51 -12.49 -19.60
N ARG F 38 -10.83 -13.60 -18.95
CA ARG F 38 -10.53 -14.93 -19.47
C ARG F 38 -11.82 -15.73 -19.59
N GLN F 39 -11.99 -16.43 -20.70
CA GLN F 39 -13.16 -17.26 -20.94
C GLN F 39 -12.70 -18.69 -21.25
N ALA F 40 -13.22 -19.65 -20.48
CA ALA F 40 -12.95 -21.04 -20.73
C ALA F 40 -13.62 -21.49 -22.01
N PRO F 41 -13.19 -22.60 -22.60
CA PRO F 41 -13.76 -23.03 -23.89
C PRO F 41 -15.27 -23.28 -23.84
N GLY F 42 -15.83 -23.58 -22.67
CA GLY F 42 -17.25 -23.86 -22.61
C GLY F 42 -18.02 -23.09 -21.55
N GLN F 43 -17.32 -22.50 -20.60
CA GLN F 43 -17.95 -21.82 -19.47
C GLN F 43 -17.93 -20.31 -19.69
N GLY F 44 -18.37 -19.57 -18.67
CA GLY F 44 -18.52 -18.14 -18.76
C GLY F 44 -17.23 -17.38 -18.52
N LEU F 45 -17.35 -16.06 -18.56
CA LEU F 45 -16.18 -15.19 -18.42
C LEU F 45 -15.63 -15.23 -17.01
N GLU F 46 -14.34 -14.93 -16.90
CA GLU F 46 -13.65 -14.88 -15.61
C GLU F 46 -12.81 -13.61 -15.54
N TRP F 47 -12.93 -12.87 -14.45
CA TRP F 47 -12.20 -11.63 -14.26
C TRP F 47 -10.78 -11.92 -13.80
N MET F 48 -9.82 -11.20 -14.37
CA MET F 48 -8.41 -11.39 -14.05
C MET F 48 -7.80 -10.19 -13.34
N GLY F 49 -7.84 -9.01 -13.94
CA GLY F 49 -7.19 -7.87 -13.31
C GLY F 49 -7.51 -6.57 -14.03
N ARG F 50 -7.20 -5.49 -13.31
CA ARG F 50 -7.39 -4.11 -13.76
C ARG F 50 -6.13 -3.30 -13.52
N ILE F 51 -5.83 -2.41 -14.46
CA ILE F 51 -4.68 -1.50 -14.37
C ILE F 51 -5.15 -0.09 -14.71
N ILE F 52 -4.76 0.85 -13.85
CA ILE F 52 -4.94 2.28 -14.13
C ILE F 52 -3.55 2.86 -14.34
N PRO F 53 -3.16 3.12 -15.59
CA PRO F 53 -1.79 3.62 -15.84
C PRO F 53 -1.55 5.01 -15.32
N ILE F 54 -2.46 5.94 -15.57
CA ILE F 54 -2.23 7.33 -15.19
C ILE F 54 -2.19 7.50 -13.67
N LEU F 55 -3.00 6.74 -12.93
CA LEU F 55 -2.86 6.66 -11.49
C LEU F 55 -1.86 5.58 -11.07
N GLY F 56 -1.46 4.72 -12.00
CA GLY F 56 -0.45 3.70 -11.72
C GLY F 56 -0.82 2.73 -10.63
N ILE F 57 -2.02 2.17 -10.65
CA ILE F 57 -2.46 1.21 -9.64
C ILE F 57 -2.93 -0.06 -10.34
N ALA F 58 -2.47 -1.20 -9.84
CA ALA F 58 -2.78 -2.50 -10.40
C ALA F 58 -3.54 -3.34 -9.39
N ASN F 59 -4.42 -4.21 -9.87
CA ASN F 59 -5.18 -5.08 -9.00
C ASN F 59 -5.48 -6.38 -9.73
N TYR F 60 -5.27 -7.50 -9.04
CA TYR F 60 -5.43 -8.81 -9.65
C TYR F 60 -6.33 -9.68 -8.77
N ALA F 61 -6.93 -10.69 -9.38
CA ALA F 61 -7.74 -11.63 -8.64
C ALA F 61 -6.88 -12.42 -7.67
N GLN F 62 -7.48 -12.82 -6.55
CA GLN F 62 -6.74 -13.55 -5.53
C GLN F 62 -6.23 -14.88 -6.05
N LYS F 63 -7.01 -15.52 -6.92
CA LYS F 63 -6.60 -16.81 -7.47
C LYS F 63 -5.34 -16.68 -8.33
N PHE F 64 -5.23 -15.59 -9.09
CA PHE F 64 -4.12 -15.39 -10.02
C PHE F 64 -3.02 -14.52 -9.44
N GLN F 65 -3.09 -14.18 -8.15
CA GLN F 65 -2.06 -13.35 -7.54
C GLN F 65 -0.72 -14.08 -7.53
N GLY F 66 0.34 -13.35 -7.85
CA GLY F 66 1.66 -13.95 -7.96
C GLY F 66 1.92 -14.66 -9.27
N ARG F 67 0.99 -14.61 -10.22
CA ARG F 67 1.12 -15.26 -11.50
C ARG F 67 0.93 -14.34 -12.69
N VAL F 68 0.05 -13.35 -12.59
CA VAL F 68 -0.31 -12.48 -13.70
C VAL F 68 0.22 -11.08 -13.43
N THR F 69 0.71 -10.43 -14.48
CA THR F 69 1.23 -9.07 -14.37
C THR F 69 0.77 -8.26 -15.57
N ILE F 70 0.12 -7.12 -15.31
CA ILE F 70 -0.41 -6.26 -16.35
C ILE F 70 0.39 -4.96 -16.37
N THR F 71 0.89 -4.60 -17.54
CA THR F 71 1.68 -3.38 -17.71
C THR F 71 1.14 -2.59 -18.89
N ALA F 72 1.54 -1.32 -18.96
CA ALA F 72 1.12 -0.43 -20.03
C ALA F 72 2.32 0.31 -20.60
N ASP F 73 2.24 0.64 -21.89
CA ASP F 73 3.29 1.33 -22.61
C ASP F 73 2.69 2.56 -23.29
N LYS F 74 3.15 3.74 -22.88
CA LYS F 74 2.69 4.99 -23.49
C LYS F 74 3.34 5.24 -24.84
N SER F 75 4.60 4.82 -25.01
CA SER F 75 5.30 5.08 -26.26
C SER F 75 4.60 4.38 -27.43
N THR F 76 4.23 3.12 -27.26
CA THR F 76 3.51 2.38 -28.27
C THR F 76 2.00 2.38 -28.04
N THR F 77 1.56 2.86 -26.88
CA THR F 77 0.14 2.89 -26.49
C THR F 77 -0.46 1.49 -26.52
N THR F 78 0.13 0.61 -25.73
CA THR F 78 -0.31 -0.78 -25.68
C THR F 78 -0.42 -1.24 -24.23
N ALA F 79 -1.01 -2.41 -24.05
CA ALA F 79 -1.10 -3.07 -22.75
C ALA F 79 -0.59 -4.50 -22.90
N TYR F 80 0.18 -4.96 -21.92
CA TYR F 80 0.77 -6.28 -21.94
C TYR F 80 0.31 -7.07 -20.73
N MET F 81 0.02 -8.35 -20.95
CA MET F 81 -0.32 -9.28 -19.88
C MET F 81 0.68 -10.43 -19.89
N GLU F 82 1.36 -10.63 -18.77
CA GLU F 82 2.29 -11.73 -18.57
C GLU F 82 1.64 -12.75 -17.66
N LEU F 83 1.56 -14.00 -18.12
CA LEU F 83 1.06 -15.11 -17.31
C LEU F 83 2.18 -16.14 -17.19
N SER F 84 2.51 -16.50 -15.95
CA SER F 84 3.61 -17.41 -15.67
C SER F 84 3.09 -18.69 -15.03
N SER F 85 3.84 -19.78 -15.24
CA SER F 85 3.51 -21.09 -14.68
C SER F 85 2.13 -21.55 -15.15
N LEU F 86 2.03 -21.73 -16.46
CA LEU F 86 0.80 -22.20 -17.06
C LEU F 86 0.49 -23.64 -16.63
N ARG F 87 -0.77 -24.02 -16.76
CA ARG F 87 -1.22 -25.36 -16.41
C ARG F 87 -2.17 -25.86 -17.48
N SER F 88 -2.61 -27.12 -17.31
CA SER F 88 -3.41 -27.76 -18.35
C SER F 88 -4.76 -27.09 -18.54
N GLU F 89 -5.33 -26.53 -17.48
CA GLU F 89 -6.63 -25.87 -17.56
C GLU F 89 -6.54 -24.37 -17.83
N ASP F 90 -5.32 -23.85 -18.06
CA ASP F 90 -5.16 -22.43 -18.35
C ASP F 90 -5.39 -22.10 -19.82
N THR F 91 -5.65 -23.10 -20.66
CA THR F 91 -6.00 -22.83 -22.05
C THR F 91 -7.39 -22.18 -22.11
N ALA F 92 -7.49 -21.08 -22.85
CA ALA F 92 -8.71 -20.29 -22.82
C ALA F 92 -8.61 -19.18 -23.86
N VAL F 93 -9.68 -18.38 -23.96
CA VAL F 93 -9.72 -17.21 -24.84
C VAL F 93 -9.59 -15.98 -23.97
N TYR F 94 -8.65 -15.11 -24.30
CA TYR F 94 -8.31 -13.95 -23.48
C TYR F 94 -8.79 -12.69 -24.18
N TYR F 95 -9.46 -11.82 -23.43
CA TYR F 95 -10.04 -10.59 -23.94
C TYR F 95 -9.44 -9.39 -23.22
N CYS F 96 -9.15 -8.36 -24.00
CA CYS F 96 -8.66 -7.07 -23.51
C CYS F 96 -9.78 -6.06 -23.59
N ALA F 97 -10.04 -5.37 -22.48
CA ALA F 97 -11.14 -4.42 -22.43
C ALA F 97 -10.66 -3.10 -21.83
N ARG F 98 -11.32 -2.00 -22.19
CA ARG F 98 -10.83 -0.68 -21.73
C ARG F 98 -11.97 0.10 -21.08
N GLY F 99 -11.67 0.81 -19.98
CA GLY F 99 -12.68 1.63 -19.29
C GLY F 99 -12.30 3.09 -19.32
N THR F 100 -13.27 3.97 -19.55
CA THR F 100 -12.98 5.42 -19.68
C THR F 100 -13.02 6.07 -18.29
N GLU F 101 -12.46 7.28 -18.17
CA GLU F 101 -12.50 8.00 -16.87
C GLU F 101 -13.91 8.52 -16.61
N TYR F 102 -14.52 9.16 -17.61
CA TYR F 102 -15.85 9.80 -17.41
C TYR F 102 -16.90 8.75 -17.04
N GLY F 103 -16.98 7.67 -17.79
CA GLY F 103 -17.96 6.60 -17.51
C GLY F 103 -17.59 5.88 -16.24
N ASP F 104 -16.88 4.75 -16.34
CA ASP F 104 -16.39 4.07 -15.12
C ASP F 104 -15.15 3.26 -15.48
N TYR F 105 -14.11 3.35 -14.67
CA TYR F 105 -12.85 2.63 -14.95
C TYR F 105 -13.08 1.13 -14.82
N ASP F 106 -13.84 0.71 -13.81
CA ASP F 106 -14.01 -0.74 -13.56
C ASP F 106 -14.80 -1.40 -14.69
N VAL F 107 -15.86 -0.75 -15.17
CA VAL F 107 -16.71 -1.38 -16.22
C VAL F 107 -15.92 -1.44 -17.53
N SER F 108 -16.31 -2.32 -18.45
CA SER F 108 -15.63 -2.44 -19.73
C SER F 108 -16.51 -1.87 -20.84
N HIS F 109 -15.98 -0.91 -21.59
CA HIS F 109 -16.75 -0.28 -22.64
C HIS F 109 -16.46 -0.89 -24.01
N ASP F 110 -15.18 -1.07 -24.33
CA ASP F 110 -14.76 -1.66 -25.60
C ASP F 110 -13.99 -2.94 -25.36
N TRP F 111 -14.11 -3.88 -26.28
CA TRP F 111 -13.51 -5.20 -26.14
C TRP F 111 -12.64 -5.53 -27.35
N GLY F 112 -11.56 -6.26 -27.09
CA GLY F 112 -10.74 -6.78 -28.17
C GLY F 112 -11.32 -8.05 -28.75
N GLN F 113 -10.69 -8.51 -29.84
CA GLN F 113 -11.18 -9.71 -30.52
C GLN F 113 -10.84 -10.98 -29.76
N GLY F 114 -9.83 -10.95 -28.89
CA GLY F 114 -9.49 -12.11 -28.09
C GLY F 114 -8.44 -12.99 -28.73
N THR F 115 -7.59 -13.62 -27.91
CA THR F 115 -6.56 -14.53 -28.39
C THR F 115 -6.76 -15.89 -27.72
N LEU F 116 -6.57 -16.96 -28.49
CA LEU F 116 -6.75 -18.31 -27.99
C LEU F 116 -5.39 -18.84 -27.56
N VAL F 117 -5.28 -19.26 -26.30
CA VAL F 117 -4.04 -19.77 -25.74
C VAL F 117 -4.26 -21.23 -25.38
N THR F 118 -3.41 -22.10 -25.91
CA THR F 118 -3.51 -23.55 -25.71
C THR F 118 -2.32 -24.03 -24.88
N VAL F 119 -2.60 -24.88 -23.90
CA VAL F 119 -1.58 -25.51 -23.08
C VAL F 119 -1.76 -27.02 -23.21
N SER F 120 -0.71 -27.71 -23.62
CA SER F 120 -0.77 -29.16 -23.83
C SER F 120 0.66 -29.69 -23.91
N SER F 121 0.77 -30.96 -24.26
CA SER F 121 2.07 -31.61 -24.41
C SER F 121 2.60 -31.45 -25.83
#